data_8Z5C
#
_entry.id   8Z5C
#
_cell.length_a   76.608
_cell.length_b   95.382
_cell.length_c   113.897
_cell.angle_alpha   90.00
_cell.angle_beta   90.00
_cell.angle_gamma   90.00
#
_symmetry.space_group_name_H-M   'P 21 21 21'
#
loop_
_entity.id
_entity.type
_entity.pdbx_description
1 polymer '3-oxoacyl-[acyl-carrier-protein] synthase 2'
2 non-polymer 'RUBIDIUM ION'
3 water water
#
_entity_poly.entity_id   1
_entity_poly.type   'polypeptide(L)'
_entity_poly.pdbx_seq_one_letter_code
;MRRIVVTGMGMINSLGLNKEDSFLAIAKGECGIKHIESFDASAFPVRIAGEITDFDPTEVMNPKDVKKAGRFIQLALKAT
REAMKDSGILDAHNRCPEELANRMGVSSGSGIGGLGNIEANSIFCFEKGPRKVNPFFITSALVNMIGGFTSIEFGIKGPN
LSSVTACAAGTHAIIEAVKTILLNGADRMLVVGAESTICPVGIGGFASIKALSTRNDEPKKASRPFDKDRNGFVMGEGAG
ALVLEEYESAKKRGAKIYAEFAGYGESGDANHITAPAPEGEGAFRAMKMALEMAKVEVGYVNAHGTSTHYNDLYESIALK
NVFGSKEKVPPVSSTKGQIGHCLGAAGALEAVISIMAMNQGILPPTINQETPDPECDLDYIPNAAREKQVDAVMSNSFGF
GGTNGVVIFKKA
;
_entity_poly.pdbx_strand_id   A,B
#
# COMPACT_ATOMS: atom_id res chain seq x y z
N MET A 1 -18.46 -13.55 -15.69
CA MET A 1 -17.74 -12.73 -14.70
C MET A 1 -18.34 -12.97 -13.31
N ARG A 2 -17.50 -13.24 -12.33
CA ARG A 2 -17.99 -13.47 -10.94
C ARG A 2 -18.65 -12.19 -10.43
N ARG A 3 -19.82 -12.34 -9.84
CA ARG A 3 -20.52 -11.18 -9.23
C ARG A 3 -20.03 -11.05 -7.79
N ILE A 4 -20.03 -9.83 -7.29
CA ILE A 4 -19.51 -9.53 -5.96
C ILE A 4 -20.49 -8.63 -5.24
N VAL A 5 -20.81 -8.99 -3.98
CA VAL A 5 -21.81 -8.25 -3.21
C VAL A 5 -21.24 -7.86 -1.85
N VAL A 6 -21.92 -6.95 -1.19
CA VAL A 6 -21.53 -6.48 0.14
C VAL A 6 -22.45 -7.14 1.15
N THR A 7 -21.87 -7.91 2.08
CA THR A 7 -22.68 -8.60 3.09
C THR A 7 -22.42 -8.15 4.52
N GLY A 8 -21.56 -7.15 4.74
CA GLY A 8 -21.29 -6.67 6.07
C GLY A 8 -20.59 -5.33 6.00
N MET A 9 -20.87 -4.47 6.97
CA MET A 9 -20.32 -3.12 6.93
C MET A 9 -20.12 -2.66 8.36
N GLY A 10 -19.15 -1.78 8.57
CA GLY A 10 -18.99 -1.13 9.86
C GLY A 10 -18.19 0.15 9.72
N MET A 11 -18.33 1.04 10.71
CA MET A 11 -17.44 2.19 10.71
C MET A 11 -17.42 2.85 12.08
N ILE A 12 -16.34 3.60 12.31
CA ILE A 12 -16.12 4.41 13.49
C ILE A 12 -15.49 5.72 13.03
N ASN A 13 -15.99 6.83 13.53
CA ASN A 13 -15.46 8.14 13.14
C ASN A 13 -15.86 9.14 14.22
N SER A 14 -15.64 10.43 13.95
CA SER A 14 -15.89 11.43 15.00
C SER A 14 -17.38 11.69 15.26
N LEU A 15 -18.30 11.01 14.57
CA LEU A 15 -19.73 11.13 14.85
C LEU A 15 -20.37 9.83 15.30
N GLY A 16 -19.58 8.77 15.52
CA GLY A 16 -20.19 7.56 16.03
C GLY A 16 -19.25 6.37 16.12
N LEU A 17 -19.54 5.45 17.05
CA LEU A 17 -18.69 4.29 17.23
C LEU A 17 -19.12 3.09 16.38
N ASN A 18 -20.25 3.18 15.69
CA ASN A 18 -20.74 2.12 14.84
C ASN A 18 -21.43 2.79 13.65
N LYS A 19 -21.83 1.98 12.67
CA LYS A 19 -22.33 2.62 11.44
C LYS A 19 -23.73 3.20 11.64
N GLU A 20 -24.57 2.60 12.47
CA GLU A 20 -25.90 3.15 12.71
C GLU A 20 -25.84 4.54 13.33
N ASP A 21 -25.12 4.68 14.46
CA ASP A 21 -25.04 5.97 15.13
C ASP A 21 -24.37 7.01 14.24
N SER A 22 -23.28 6.61 13.59
CA SER A 22 -22.49 7.52 12.74
CA SER A 22 -22.55 7.56 12.71
C SER A 22 -23.33 8.08 11.46
N PHE A 23 -23.94 7.09 10.79
CA PHE A 23 -24.70 7.53 9.63
C PHE A 23 -25.86 8.46 10.03
N LEU A 24 -26.57 8.12 11.11
CA LEU A 24 -27.64 8.99 11.61
C LEU A 24 -27.15 10.42 11.82
N ALA A 25 -26.06 10.57 12.59
CA ALA A 25 -25.51 11.90 12.83
C ALA A 25 -25.10 12.58 11.53
N ILE A 26 -24.49 11.83 10.63
CA ILE A 26 -24.05 12.40 9.36
C ILE A 26 -25.24 12.89 8.55
N ALA A 27 -26.27 12.06 8.44
CA ALA A 27 -27.44 12.46 7.68
C ALA A 27 -28.14 13.65 8.32
N LYS A 28 -28.14 13.74 9.66
CA LYS A 28 -28.74 14.89 10.32
C LYS A 28 -27.88 16.15 10.21
N GLY A 29 -26.72 16.07 9.57
CA GLY A 29 -25.87 17.24 9.42
C GLY A 29 -25.09 17.63 10.65
N GLU A 30 -24.87 16.72 11.59
CA GLU A 30 -24.03 17.03 12.73
C GLU A 30 -22.57 17.17 12.28
N CYS A 31 -21.71 17.59 13.20
CA CYS A 31 -20.29 17.73 12.89
C CYS A 31 -19.43 17.26 14.05
N GLY A 32 -18.51 16.36 13.76
CA GLY A 32 -17.60 15.84 14.77
C GLY A 32 -16.29 16.59 14.88
N ILE A 33 -16.11 17.63 14.06
CA ILE A 33 -14.88 18.46 14.21
CA ILE A 33 -14.89 18.48 14.23
C ILE A 33 -14.90 19.25 15.58
N LYS A 34 -13.76 19.19 16.26
CA LYS A 34 -13.63 19.74 17.60
C LYS A 34 -12.26 20.38 17.73
N HIS A 35 -12.04 21.12 18.81
CA HIS A 35 -10.68 21.55 19.12
C HIS A 35 -9.86 20.31 19.49
N ILE A 36 -8.61 20.30 19.06
CA ILE A 36 -7.72 19.16 19.36
C ILE A 36 -7.52 18.99 20.85
N GLU A 37 -7.76 17.75 21.33
CA GLU A 37 -7.40 17.32 22.68
C GLU A 37 -6.30 16.27 22.72
N SER A 38 -6.06 15.52 21.63
CA SER A 38 -5.16 14.38 21.72
C SER A 38 -3.70 14.80 21.86
N PHE A 39 -3.37 16.07 21.59
CA PHE A 39 -2.05 16.63 21.89
C PHE A 39 -2.23 18.11 22.16
N ASP A 40 -1.14 18.77 22.56
CA ASP A 40 -1.18 20.20 22.88
C ASP A 40 -0.98 20.98 21.59
N ALA A 41 -2.09 21.34 20.95
CA ALA A 41 -2.06 22.10 19.71
C ALA A 41 -2.18 23.59 19.93
N SER A 42 -2.04 24.06 21.17
CA SER A 42 -2.36 25.46 21.48
C SER A 42 -1.50 26.43 20.69
N ALA A 43 -0.25 26.08 20.40
CA ALA A 43 0.66 26.95 19.64
C ALA A 43 0.71 26.65 18.15
N PHE A 44 -0.11 25.72 17.65
CA PHE A 44 -0.12 25.39 16.23
C PHE A 44 -0.99 26.33 15.41
N PRO A 45 -0.75 26.43 14.10
CA PRO A 45 -1.64 27.24 13.25
C PRO A 45 -2.97 26.57 12.98
N VAL A 46 -3.06 25.25 13.16
CA VAL A 46 -4.31 24.51 13.06
C VAL A 46 -4.55 23.82 14.39
N ARG A 47 -5.74 24.00 14.97
CA ARG A 47 -5.99 23.58 16.33
C ARG A 47 -7.26 22.74 16.44
N ILE A 48 -7.76 22.26 15.31
CA ILE A 48 -9.02 21.52 15.21
C ILE A 48 -8.81 20.24 14.42
N ALA A 49 -9.67 19.25 14.68
CA ALA A 49 -9.64 17.98 13.97
C ALA A 49 -10.89 17.19 14.33
N GLY A 50 -11.20 16.20 13.48
CA GLY A 50 -12.25 15.26 13.77
C GLY A 50 -11.72 14.12 14.64
N GLU A 51 -11.54 14.41 15.93
CA GLU A 51 -11.13 13.41 16.90
C GLU A 51 -12.32 12.58 17.36
N ILE A 52 -12.07 11.28 17.54
CA ILE A 52 -13.00 10.40 18.23
C ILE A 52 -12.69 10.53 19.72
N THR A 53 -13.67 10.95 20.53
CA THR A 53 -13.43 11.18 21.95
C THR A 53 -13.87 10.03 22.86
N ASP A 54 -14.64 9.07 22.34
CA ASP A 54 -15.24 8.04 23.18
C ASP A 54 -14.77 6.64 22.81
N PHE A 55 -13.62 6.51 22.16
CA PHE A 55 -13.15 5.19 21.74
C PHE A 55 -12.35 4.53 22.86
N ASP A 56 -12.70 3.29 23.19
CA ASP A 56 -11.99 2.51 24.22
C ASP A 56 -11.32 1.30 23.57
N PRO A 57 -10.02 1.32 23.34
CA PRO A 57 -9.39 0.18 22.64
C PRO A 57 -9.40 -1.11 23.42
N THR A 58 -9.62 -1.07 24.74
CA THR A 58 -9.72 -2.31 25.49
C THR A 58 -10.99 -3.08 25.19
N GLU A 59 -11.95 -2.48 24.49
CA GLU A 59 -13.08 -3.26 24.02
C GLU A 59 -12.74 -4.13 22.81
N VAL A 60 -11.63 -3.85 22.11
CA VAL A 60 -11.29 -4.61 20.91
C VAL A 60 -9.96 -5.36 21.03
N MET A 61 -9.19 -5.06 22.04
CA MET A 61 -7.93 -5.79 22.31
C MET A 61 -7.73 -5.84 23.83
N ASN A 62 -6.95 -6.80 24.33
CA ASN A 62 -6.58 -6.81 25.73
C ASN A 62 -5.58 -5.69 25.99
N PRO A 63 -5.52 -5.17 27.22
CA PRO A 63 -4.66 -3.99 27.47
C PRO A 63 -3.19 -4.24 27.27
N LYS A 64 -2.80 -5.49 27.04
CA LYS A 64 -1.40 -5.82 26.77
C LYS A 64 -1.06 -5.69 25.30
N ASP A 65 -2.00 -5.97 24.42
CA ASP A 65 -1.80 -5.82 22.99
C ASP A 65 -2.06 -4.40 22.50
N VAL A 66 -2.70 -3.56 23.32
CA VAL A 66 -3.02 -2.21 22.88
C VAL A 66 -1.74 -1.48 22.49
N LYS A 67 -0.68 -1.65 23.28
CA LYS A 67 0.60 -0.98 22.99
C LYS A 67 1.26 -1.53 21.74
N LYS A 68 0.84 -2.70 21.26
CA LYS A 68 1.44 -3.27 20.06
C LYS A 68 0.83 -2.74 18.75
N ALA A 69 -0.29 -2.01 18.81
CA ALA A 69 -0.99 -1.50 17.63
C ALA A 69 -1.11 0.01 17.72
N GLY A 70 -0.76 0.70 16.62
CA GLY A 70 -1.09 2.11 16.53
C GLY A 70 -2.59 2.34 16.57
N ARG A 71 -2.97 3.58 16.85
CA ARG A 71 -4.39 3.88 16.99
C ARG A 71 -5.16 3.54 15.71
N PHE A 72 -4.56 3.75 14.53
CA PHE A 72 -5.27 3.45 13.29
C PHE A 72 -5.64 1.96 13.23
N ILE A 73 -4.79 1.09 13.75
CA ILE A 73 -5.10 -0.35 13.76
C ILE A 73 -6.17 -0.66 14.79
N GLN A 74 -6.13 0.00 15.95
CA GLN A 74 -7.19 -0.19 16.93
C GLN A 74 -8.55 0.17 16.33
N LEU A 75 -8.62 1.30 15.63
CA LEU A 75 -9.86 1.69 14.95
C LEU A 75 -10.26 0.67 13.89
N ALA A 76 -9.29 0.17 13.12
CA ALA A 76 -9.56 -0.89 12.15
C ALA A 76 -10.16 -2.12 12.82
N LEU A 77 -9.63 -2.52 13.98
CA LEU A 77 -10.15 -3.71 14.66
C LEU A 77 -11.61 -3.49 15.06
N LYS A 78 -11.94 -2.26 15.49
CA LYS A 78 -13.31 -1.95 15.87
C LYS A 78 -14.25 -2.03 14.68
N ALA A 79 -13.90 -1.33 13.59
CA ALA A 79 -14.75 -1.33 12.40
C ALA A 79 -14.88 -2.73 11.79
N THR A 80 -13.79 -3.51 11.77
CA THR A 80 -13.87 -4.82 11.15
C THR A 80 -14.61 -5.82 12.03
N ARG A 81 -14.51 -5.70 13.36
CA ARG A 81 -15.35 -6.56 14.18
C ARG A 81 -16.82 -6.28 13.89
N GLU A 82 -17.17 -5.01 13.73
CA GLU A 82 -18.55 -4.67 13.40
C GLU A 82 -18.95 -5.27 12.06
N ALA A 83 -18.12 -5.12 11.03
CA ALA A 83 -18.47 -5.62 9.70
C ALA A 83 -18.52 -7.15 9.67
N MET A 84 -17.56 -7.81 10.36
CA MET A 84 -17.50 -9.27 10.30
C MET A 84 -18.66 -9.89 11.07
N LYS A 85 -19.02 -9.31 12.22
CA LYS A 85 -20.24 -9.73 12.91
C LYS A 85 -21.47 -9.52 12.02
N ASP A 86 -21.53 -8.36 11.36
CA ASP A 86 -22.66 -8.04 10.50
C ASP A 86 -22.83 -9.04 9.35
N SER A 87 -21.71 -9.58 8.84
CA SER A 87 -21.78 -10.45 7.67
C SER A 87 -22.35 -11.84 8.00
N GLY A 88 -22.35 -12.24 9.27
CA GLY A 88 -22.78 -13.57 9.65
C GLY A 88 -21.78 -14.67 9.36
N ILE A 89 -20.58 -14.35 8.87
CA ILE A 89 -19.62 -15.37 8.50
C ILE A 89 -19.05 -16.07 9.73
N LEU A 90 -18.91 -15.34 10.84
CA LEU A 90 -18.14 -15.80 11.98
C LEU A 90 -18.84 -16.95 12.68
N ASP A 91 -18.03 -17.86 13.21
CA ASP A 91 -18.51 -19.09 13.85
C ASP A 91 -18.81 -18.82 15.33
N ALA A 92 -18.96 -19.88 16.12
CA ALA A 92 -19.28 -19.74 17.55
C ALA A 92 -18.17 -19.05 18.34
N HIS A 93 -16.94 -19.05 17.84
CA HIS A 93 -15.84 -18.35 18.50
C HIS A 93 -15.45 -17.05 17.79
N ASN A 94 -16.36 -16.47 17.00
CA ASN A 94 -16.14 -15.17 16.34
C ASN A 94 -14.95 -15.24 15.38
N ARG A 95 -14.78 -16.38 14.74
CA ARG A 95 -13.72 -16.56 13.74
C ARG A 95 -14.33 -17.11 12.46
N CYS A 96 -13.66 -16.86 11.35
CA CYS A 96 -14.10 -17.47 10.10
C CYS A 96 -14.00 -18.98 10.22
N PRO A 97 -14.99 -19.74 9.75
CA PRO A 97 -14.88 -21.21 9.84
C PRO A 97 -13.60 -21.68 9.18
N GLU A 98 -12.95 -22.69 9.80
CA GLU A 98 -11.63 -23.10 9.36
C GLU A 98 -11.61 -23.60 7.93
N GLU A 99 -12.66 -24.32 7.50
CA GLU A 99 -12.65 -24.84 6.15
C GLU A 99 -12.81 -23.75 5.10
N LEU A 100 -13.17 -22.52 5.51
CA LEU A 100 -13.35 -21.39 4.61
C LEU A 100 -12.24 -20.35 4.71
N ALA A 101 -11.31 -20.53 5.64
CA ALA A 101 -10.35 -19.48 5.99
C ALA A 101 -9.40 -19.20 4.85
N ASN A 102 -9.01 -20.25 4.10
CA ASN A 102 -8.05 -20.06 3.03
C ASN A 102 -8.63 -19.25 1.87
N ARG A 103 -9.95 -19.09 1.78
CA ARG A 103 -10.56 -18.40 0.65
C ARG A 103 -11.10 -17.02 1.02
N MET A 104 -10.79 -16.52 2.21
CA MET A 104 -11.16 -15.17 2.59
C MET A 104 -9.92 -14.40 3.00
N GLY A 105 -9.67 -13.29 2.31
CA GLY A 105 -8.52 -12.48 2.57
C GLY A 105 -8.91 -11.14 3.17
N VAL A 106 -7.93 -10.22 3.21
CA VAL A 106 -8.15 -8.89 3.74
C VAL A 106 -7.38 -7.88 2.88
N SER A 107 -8.05 -6.76 2.59
CA SER A 107 -7.47 -5.67 1.82
C SER A 107 -7.57 -4.42 2.69
N SER A 108 -6.43 -3.87 3.13
CA SER A 108 -6.44 -2.77 4.08
C SER A 108 -5.84 -1.53 3.44
N GLY A 109 -6.33 -0.37 3.83
CA GLY A 109 -5.81 0.87 3.29
C GLY A 109 -5.53 1.88 4.39
N SER A 110 -4.45 2.62 4.23
CA SER A 110 -4.15 3.76 5.08
C SER A 110 -3.14 4.63 4.33
N GLY A 111 -3.23 5.95 4.56
CA GLY A 111 -2.29 6.85 3.90
C GLY A 111 -0.95 6.90 4.61
N ILE A 112 -0.97 6.91 5.94
CA ILE A 112 0.27 7.12 6.70
C ILE A 112 0.47 6.11 7.81
N GLY A 113 -0.53 5.35 8.21
CA GLY A 113 -0.28 4.37 9.27
C GLY A 113 0.01 5.05 10.60
N GLY A 114 0.94 4.47 11.36
CA GLY A 114 1.18 4.89 12.73
C GLY A 114 2.09 6.10 12.86
N LEU A 115 1.70 7.23 12.25
CA LEU A 115 2.49 8.46 12.33
C LEU A 115 2.90 8.82 13.77
N GLY A 116 1.93 8.88 14.68
CA GLY A 116 2.26 9.25 16.05
C GLY A 116 3.25 8.31 16.69
N ASN A 117 3.22 7.02 16.30
CA ASN A 117 4.16 6.06 16.87
C ASN A 117 5.56 6.30 16.32
N ILE A 118 5.66 6.58 15.02
CA ILE A 118 6.95 6.93 14.42
C ILE A 118 7.51 8.18 15.09
N GLU A 119 6.68 9.22 15.21
CA GLU A 119 7.03 10.43 15.96
C GLU A 119 7.65 10.15 17.31
N ALA A 120 6.88 9.46 18.15
CA ALA A 120 7.28 9.28 19.53
C ALA A 120 8.58 8.52 19.63
N ASN A 121 8.72 7.46 18.82
CA ASN A 121 9.93 6.62 18.82
C ASN A 121 11.10 7.37 18.21
N SER A 122 10.84 8.28 17.25
CA SER A 122 11.89 9.14 16.73
C SER A 122 12.47 10.02 17.82
N ILE A 123 11.59 10.56 18.68
CA ILE A 123 12.06 11.40 19.77
C ILE A 123 12.76 10.58 20.85
N PHE A 124 12.22 9.40 21.20
CA PHE A 124 12.92 8.49 22.12
C PHE A 124 14.35 8.25 21.67
N CYS A 125 14.50 7.85 20.40
CA CYS A 125 15.82 7.51 19.86
C CYS A 125 16.74 8.72 19.88
N PHE A 126 16.27 9.84 19.32
CA PHE A 126 17.04 11.08 19.28
C PHE A 126 17.57 11.46 20.66
N GLU A 127 16.68 11.43 21.65
CA GLU A 127 17.05 11.98 22.98
C GLU A 127 17.73 10.96 23.88
N LYS A 128 17.26 9.72 23.84
CA LYS A 128 17.74 8.74 24.80
C LYS A 128 18.51 7.56 24.20
N GLY A 129 18.58 7.44 22.88
CA GLY A 129 19.30 6.36 22.24
C GLY A 129 18.39 5.25 21.73
N PRO A 130 18.93 4.42 20.82
CA PRO A 130 18.09 3.41 20.16
C PRO A 130 17.52 2.35 21.08
N ARG A 131 18.11 2.10 22.25
CA ARG A 131 17.50 1.07 23.08
C ARG A 131 16.22 1.56 23.77
N LYS A 132 15.90 2.85 23.66
CA LYS A 132 14.61 3.38 24.12
C LYS A 132 13.52 3.29 23.06
N VAL A 133 13.82 2.80 21.87
CA VAL A 133 12.78 2.54 20.88
C VAL A 133 11.96 1.35 21.33
N ASN A 134 10.63 1.50 21.34
CA ASN A 134 9.76 0.44 21.85
C ASN A 134 9.95 -0.84 21.05
N PRO A 135 10.03 -2.00 21.70
CA PRO A 135 10.09 -3.26 20.93
C PRO A 135 8.93 -3.43 19.98
N PHE A 136 7.77 -2.85 20.30
CA PHE A 136 6.56 -3.00 19.51
C PHE A 136 6.36 -1.84 18.55
N PHE A 137 7.35 -0.96 18.40
CA PHE A 137 7.24 0.16 17.47
C PHE A 137 6.85 -0.30 16.07
N ILE A 138 7.65 -1.20 15.47
CA ILE A 138 7.46 -1.53 14.06
C ILE A 138 6.08 -2.12 13.80
N THR A 139 5.66 -3.09 14.63
CA THR A 139 4.34 -3.68 14.48
C THR A 139 3.23 -2.65 14.67
N SER A 140 3.48 -1.61 15.47
CA SER A 140 2.40 -0.67 15.72
C SER A 140 2.21 0.30 14.56
N ALA A 141 3.24 0.52 13.74
CA ALA A 141 3.25 1.65 12.81
C ALA A 141 3.07 1.28 11.33
N LEU A 142 3.52 0.10 10.90
CA LEU A 142 3.47 -0.26 9.49
C LEU A 142 2.02 -0.35 9.00
N VAL A 143 1.75 0.16 7.80
CA VAL A 143 0.36 0.24 7.33
C VAL A 143 -0.27 -1.14 7.22
N ASN A 144 0.47 -2.11 6.70
CA ASN A 144 -0.09 -3.45 6.48
C ASN A 144 -0.34 -4.19 7.79
N MET A 145 0.08 -3.64 8.92
CA MET A 145 -0.25 -4.33 10.17
C MET A 145 -1.75 -4.26 10.46
N ILE A 146 -2.51 -3.40 9.75
CA ILE A 146 -3.97 -3.53 9.77
C ILE A 146 -4.35 -4.94 9.35
N GLY A 147 -3.81 -5.37 8.21
CA GLY A 147 -4.06 -6.72 7.75
C GLY A 147 -3.46 -7.79 8.65
N GLY A 148 -2.29 -7.52 9.23
CA GLY A 148 -1.69 -8.45 10.19
C GLY A 148 -2.61 -8.71 11.37
N PHE A 149 -2.98 -7.64 12.08
CA PHE A 149 -3.82 -7.81 13.28
C PHE A 149 -5.20 -8.33 12.94
N THR A 150 -5.81 -7.87 11.83
CA THR A 150 -7.18 -8.30 11.54
C THR A 150 -7.23 -9.75 11.03
N SER A 151 -6.22 -10.18 10.26
CA SER A 151 -6.24 -11.57 9.79
C SER A 151 -6.17 -12.53 10.98
N ILE A 152 -5.33 -12.20 11.97
CA ILE A 152 -5.22 -13.01 13.18
C ILE A 152 -6.52 -12.98 13.96
N GLU A 153 -7.14 -11.80 14.06
CA GLU A 153 -8.37 -11.66 14.82
C GLU A 153 -9.48 -12.56 14.31
N PHE A 154 -9.60 -12.69 12.97
CA PHE A 154 -10.70 -13.46 12.41
C PHE A 154 -10.27 -14.78 11.81
N GLY A 155 -8.99 -15.09 11.82
CA GLY A 155 -8.52 -16.36 11.25
C GLY A 155 -8.77 -16.44 9.75
N ILE A 156 -8.54 -15.35 9.03
CA ILE A 156 -8.74 -15.32 7.58
C ILE A 156 -7.37 -15.30 6.90
N LYS A 157 -7.17 -16.25 6.00
CA LYS A 157 -5.85 -16.62 5.52
C LYS A 157 -5.68 -16.39 4.03
N GLY A 158 -6.65 -15.79 3.36
CA GLY A 158 -6.50 -15.52 1.95
C GLY A 158 -5.56 -14.36 1.69
N PRO A 159 -5.57 -13.85 0.45
CA PRO A 159 -4.64 -12.76 0.10
C PRO A 159 -4.78 -11.61 1.07
N ASN A 160 -3.63 -11.09 1.49
CA ASN A 160 -3.52 -10.11 2.56
C ASN A 160 -2.79 -8.93 1.94
N LEU A 161 -3.55 -7.92 1.53
CA LEU A 161 -3.08 -6.88 0.63
C LEU A 161 -3.30 -5.52 1.27
N SER A 162 -2.41 -4.59 0.97
CA SER A 162 -2.63 -3.25 1.53
CA SER A 162 -2.62 -3.22 1.49
C SER A 162 -2.41 -2.11 0.42
N SER A 163 -3.19 -1.08 0.64
CA SER A 163 -3.15 0.05 -0.28
C SER A 163 -2.73 1.28 0.50
N VAL A 164 -1.90 2.14 -0.13
CA VAL A 164 -1.33 3.28 0.58
C VAL A 164 -1.31 4.49 -0.37
N THR A 165 -2.30 4.58 -1.24
CA THR A 165 -2.44 5.74 -2.13
C THR A 165 -3.11 6.95 -1.47
N ALA A 166 -2.57 7.39 -0.33
CA ALA A 166 -2.95 8.67 0.31
C ALA A 166 -4.48 8.74 0.43
N CYS A 167 -5.11 9.85 0.02
CA CYS A 167 -6.54 10.10 0.18
C CYS A 167 -7.40 9.12 -0.62
N ALA A 168 -6.80 8.27 -1.44
CA ALA A 168 -7.57 7.29 -2.19
C ALA A 168 -7.40 5.88 -1.65
N ALA A 169 -6.62 5.69 -0.59
CA ALA A 169 -6.25 4.35 -0.17
C ALA A 169 -7.47 3.50 0.17
N GLY A 170 -8.50 4.12 0.75
CA GLY A 170 -9.67 3.35 1.17
C GLY A 170 -10.48 2.86 0.00
N THR A 171 -10.48 3.63 -1.09
CA THR A 171 -11.18 3.20 -2.30
C THR A 171 -10.36 2.17 -3.05
N HIS A 172 -9.04 2.38 -3.17
CA HIS A 172 -8.21 1.36 -3.79
C HIS A 172 -8.23 0.05 -3.01
N ALA A 173 -8.42 0.11 -1.69
CA ALA A 173 -8.51 -1.12 -0.93
C ALA A 173 -9.73 -1.92 -1.35
N ILE A 174 -10.85 -1.23 -1.63
CA ILE A 174 -12.02 -1.91 -2.17
C ILE A 174 -11.71 -2.51 -3.53
N ILE A 175 -11.07 -1.73 -4.40
CA ILE A 175 -10.87 -2.17 -5.78
C ILE A 175 -9.93 -3.36 -5.83
N GLU A 176 -8.84 -3.33 -5.04
CA GLU A 176 -7.90 -4.45 -5.09
C GLU A 176 -8.56 -5.73 -4.60
N ALA A 177 -9.42 -5.64 -3.58
CA ALA A 177 -10.20 -6.80 -3.16
C ALA A 177 -11.13 -7.28 -4.26
N VAL A 178 -11.80 -6.35 -4.94
CA VAL A 178 -12.66 -6.71 -6.08
C VAL A 178 -11.84 -7.45 -7.14
N LYS A 179 -10.71 -6.88 -7.56
CA LYS A 179 -9.89 -7.59 -8.55
C LYS A 179 -9.54 -9.00 -8.08
N THR A 180 -9.19 -9.13 -6.81
CA THR A 180 -8.81 -10.43 -6.29
C THR A 180 -9.96 -11.42 -6.40
N ILE A 181 -11.18 -11.00 -6.06
CA ILE A 181 -12.31 -11.92 -6.15
C ILE A 181 -12.63 -12.21 -7.61
N LEU A 182 -12.57 -11.19 -8.47
CA LEU A 182 -12.89 -11.37 -9.88
C LEU A 182 -11.99 -12.43 -10.51
N LEU A 183 -10.71 -12.42 -10.16
CA LEU A 183 -9.73 -13.35 -10.71
C LEU A 183 -9.69 -14.67 -9.97
N ASN A 184 -10.61 -14.90 -9.03
CA ASN A 184 -10.76 -16.18 -8.30
C ASN A 184 -9.63 -16.41 -7.31
N GLY A 185 -8.96 -15.34 -6.87
CA GLY A 185 -8.00 -15.45 -5.80
C GLY A 185 -8.62 -15.54 -4.41
N ALA A 186 -9.92 -15.27 -4.30
CA ALA A 186 -10.63 -15.39 -3.06
C ALA A 186 -12.13 -15.43 -3.35
N ASP A 187 -12.88 -15.95 -2.41
CA ASP A 187 -14.34 -15.91 -2.45
C ASP A 187 -14.93 -14.80 -1.59
N ARG A 188 -14.20 -14.32 -0.60
CA ARG A 188 -14.63 -13.19 0.22
C ARG A 188 -13.43 -12.36 0.57
N MET A 189 -13.63 -11.05 0.78
CA MET A 189 -12.49 -10.27 1.24
C MET A 189 -13.01 -9.28 2.28
N LEU A 190 -12.32 -9.19 3.40
CA LEU A 190 -12.54 -8.11 4.35
C LEU A 190 -11.81 -6.88 3.85
N VAL A 191 -12.50 -5.75 3.75
CA VAL A 191 -11.89 -4.51 3.28
C VAL A 191 -11.96 -3.50 4.42
N VAL A 192 -10.86 -2.82 4.70
CA VAL A 192 -10.88 -1.82 5.78
C VAL A 192 -9.92 -0.68 5.41
N GLY A 193 -10.39 0.55 5.54
CA GLY A 193 -9.53 1.73 5.46
C GLY A 193 -9.51 2.38 6.83
N ALA A 194 -8.31 2.78 7.27
CA ALA A 194 -8.20 3.24 8.65
C ALA A 194 -7.08 4.26 8.75
N GLU A 195 -7.33 5.34 9.48
CA GLU A 195 -6.34 6.40 9.57
C GLU A 195 -6.48 7.12 10.90
N SER A 196 -5.35 7.42 11.53
CA SER A 196 -5.37 8.23 12.75
C SER A 196 -4.01 8.91 12.79
N THR A 197 -3.97 10.16 12.36
CA THR A 197 -2.72 10.90 12.19
C THR A 197 -2.81 12.26 12.86
N ILE A 198 -3.66 12.39 13.89
CA ILE A 198 -3.84 13.67 14.59
C ILE A 198 -2.77 13.73 15.68
N CYS A 199 -1.60 14.21 15.28
CA CYS A 199 -0.41 14.30 16.11
C CYS A 199 0.37 15.50 15.63
N PRO A 200 1.36 15.97 16.41
CA PRO A 200 2.08 17.20 16.00
C PRO A 200 2.65 17.15 14.58
N VAL A 201 3.33 16.06 14.19
CA VAL A 201 3.98 16.10 12.89
C VAL A 201 2.93 15.94 11.78
N GLY A 202 1.80 15.29 12.09
CA GLY A 202 0.73 15.18 11.11
C GLY A 202 0.05 16.51 10.83
N ILE A 203 -0.45 17.16 11.88
CA ILE A 203 -1.08 18.48 11.73
C ILE A 203 -0.08 19.49 11.20
N GLY A 204 1.13 19.51 11.78
CA GLY A 204 2.14 20.45 11.30
C GLY A 204 2.49 20.22 9.85
N GLY A 205 2.53 18.96 9.44
CA GLY A 205 2.98 18.65 8.09
C GLY A 205 1.96 19.09 7.05
N PHE A 206 0.69 18.81 7.29
CA PHE A 206 -0.32 19.26 6.34
C PHE A 206 -0.56 20.75 6.43
N ALA A 207 -0.28 21.37 7.60
CA ALA A 207 -0.42 22.82 7.67
C ALA A 207 0.71 23.51 6.90
N SER A 208 1.91 22.93 6.91
CA SER A 208 3.02 23.60 6.24
C SER A 208 2.93 23.51 4.72
N ILE A 209 2.19 22.54 4.19
CA ILE A 209 1.93 22.52 2.75
C ILE A 209 0.64 23.28 2.46
N LYS A 210 0.12 23.98 3.47
CA LYS A 210 -1.05 24.86 3.32
C LYS A 210 -2.33 24.11 2.95
N ALA A 211 -2.47 22.87 3.38
CA ALA A 211 -3.62 22.07 2.96
C ALA A 211 -4.79 22.13 3.94
N LEU A 212 -4.60 22.70 5.13
CA LEU A 212 -5.58 22.61 6.21
C LEU A 212 -6.27 23.94 6.45
N SER A 213 -7.57 23.87 6.75
CA SER A 213 -8.30 25.05 7.20
C SER A 213 -7.71 25.57 8.50
N THR A 214 -7.53 26.89 8.57
CA THR A 214 -7.10 27.55 9.79
C THR A 214 -8.25 28.26 10.51
N ARG A 215 -9.49 27.87 10.22
CA ARG A 215 -10.68 28.45 10.84
C ARG A 215 -10.88 27.85 12.23
N ASN A 216 -9.95 28.19 13.12
CA ASN A 216 -9.92 27.59 14.44
C ASN A 216 -11.01 28.07 15.38
N ASP A 217 -11.64 29.21 15.11
CA ASP A 217 -12.57 29.78 16.09
C ASP A 217 -13.89 29.02 16.14
N GLU A 218 -14.35 28.47 15.01
CA GLU A 218 -15.60 27.70 14.95
C GLU A 218 -15.32 26.34 14.31
N PRO A 219 -14.91 25.35 15.10
CA PRO A 219 -14.53 24.05 14.50
C PRO A 219 -15.62 23.44 13.64
N LYS A 220 -16.89 23.56 14.04
CA LYS A 220 -17.99 22.92 13.34
C LYS A 220 -18.32 23.60 12.02
N LYS A 221 -17.72 24.77 11.76
CA LYS A 221 -17.93 25.51 10.52
C LYS A 221 -16.72 25.46 9.60
N ALA A 222 -15.65 24.76 9.99
CA ALA A 222 -14.39 24.86 9.24
C ALA A 222 -14.40 24.04 7.96
N SER A 223 -15.01 22.85 7.99
CA SER A 223 -15.06 21.96 6.83
C SER A 223 -16.37 22.20 6.07
N ARG A 224 -16.26 22.67 4.82
CA ARG A 224 -17.41 23.18 4.08
C ARG A 224 -17.21 22.92 2.60
N PRO A 225 -17.25 21.65 2.18
CA PRO A 225 -16.98 21.33 0.77
C PRO A 225 -17.86 22.14 -0.18
N PHE A 226 -17.23 22.65 -1.25
CA PHE A 226 -17.89 23.37 -2.34
C PHE A 226 -18.44 24.73 -1.93
N ASP A 227 -18.33 25.11 -0.66
CA ASP A 227 -18.75 26.44 -0.26
C ASP A 227 -17.74 27.49 -0.74
N LYS A 228 -18.24 28.71 -0.98
CA LYS A 228 -17.35 29.73 -1.51
C LYS A 228 -16.21 30.06 -0.54
N ASP A 229 -16.44 29.96 0.77
CA ASP A 229 -15.44 30.33 1.77
C ASP A 229 -14.61 29.15 2.27
N ARG A 230 -14.60 28.02 1.55
CA ARG A 230 -13.75 26.91 1.94
C ARG A 230 -12.29 27.33 1.90
N ASN A 231 -11.49 26.83 2.86
CA ASN A 231 -10.09 27.25 2.89
C ASN A 231 -9.16 26.14 3.37
N GLY A 232 -9.46 24.89 3.05
CA GLY A 232 -8.57 23.81 3.43
C GLY A 232 -9.32 22.68 4.09
N PHE A 233 -8.75 21.48 4.09
CA PHE A 233 -9.47 20.38 4.70
C PHE A 233 -9.23 20.32 6.20
N VAL A 234 -10.03 19.51 6.88
CA VAL A 234 -9.90 19.31 8.31
C VAL A 234 -9.60 17.84 8.51
N MET A 235 -8.44 17.54 9.11
CA MET A 235 -8.07 16.16 9.36
C MET A 235 -9.04 15.47 10.32
N GLY A 236 -9.50 14.29 9.91
CA GLY A 236 -10.28 13.43 10.80
C GLY A 236 -9.64 12.07 10.93
N GLU A 237 -10.03 11.31 11.95
CA GLU A 237 -9.62 9.92 12.11
C GLU A 237 -10.84 9.02 12.04
N GLY A 238 -10.60 7.76 11.73
CA GLY A 238 -11.70 6.81 11.68
C GLY A 238 -11.31 5.59 10.88
N ALA A 239 -12.28 4.67 10.78
CA ALA A 239 -12.10 3.49 9.95
C ALA A 239 -13.45 3.04 9.43
N GLY A 240 -13.45 2.56 8.18
CA GLY A 240 -14.63 1.95 7.59
C GLY A 240 -14.26 0.57 7.09
N ALA A 241 -15.22 -0.34 7.16
CA ALA A 241 -14.96 -1.73 6.79
C ALA A 241 -16.16 -2.28 6.03
N LEU A 242 -15.87 -3.18 5.08
CA LEU A 242 -16.88 -3.86 4.27
C LEU A 242 -16.47 -5.30 4.09
N VAL A 243 -17.44 -6.21 4.10
CA VAL A 243 -17.20 -7.59 3.70
C VAL A 243 -17.69 -7.74 2.27
N LEU A 244 -16.78 -8.07 1.35
CA LEU A 244 -17.13 -8.35 -0.04
C LEU A 244 -17.16 -9.85 -0.23
N GLU A 245 -18.11 -10.32 -1.03
CA GLU A 245 -18.34 -11.76 -1.11
C GLU A 245 -18.85 -12.13 -2.49
N GLU A 246 -18.32 -13.21 -3.04
CA GLU A 246 -18.84 -13.70 -4.30
C GLU A 246 -20.34 -14.01 -4.20
N TYR A 247 -21.06 -13.77 -5.30
CA TYR A 247 -22.52 -13.73 -5.31
C TYR A 247 -23.15 -15.07 -4.88
N GLU A 248 -22.71 -16.18 -5.49
CA GLU A 248 -23.28 -17.47 -5.14
C GLU A 248 -23.02 -17.81 -3.68
N SER A 249 -21.81 -17.53 -3.19
CA SER A 249 -21.52 -17.80 -1.79
C SER A 249 -22.50 -17.07 -0.88
N ALA A 250 -22.81 -15.80 -1.19
CA ALA A 250 -23.71 -15.03 -0.35
C ALA A 250 -25.13 -15.59 -0.40
N LYS A 251 -25.65 -15.85 -1.62
CA LYS A 251 -27.03 -16.31 -1.72
C LYS A 251 -27.22 -17.70 -1.12
N LYS A 252 -26.27 -18.62 -1.36
CA LYS A 252 -26.45 -19.98 -0.84
C LYS A 252 -26.48 -20.03 0.67
N ARG A 253 -25.76 -19.14 1.36
CA ARG A 253 -25.79 -19.15 2.81
C ARG A 253 -26.87 -18.24 3.38
N GLY A 254 -27.69 -17.65 2.52
CA GLY A 254 -28.77 -16.79 2.97
C GLY A 254 -28.30 -15.51 3.64
N ALA A 255 -27.19 -14.94 3.19
CA ALA A 255 -26.69 -13.71 3.79
C ALA A 255 -27.49 -12.53 3.24
N LYS A 256 -27.86 -11.60 4.12
CA LYS A 256 -28.49 -10.37 3.64
C LYS A 256 -27.47 -9.55 2.88
N ILE A 257 -27.84 -9.11 1.67
CA ILE A 257 -26.94 -8.38 0.77
C ILE A 257 -27.31 -6.91 0.80
N TYR A 258 -26.30 -6.04 1.02
CA TYR A 258 -26.56 -4.61 1.09
C TYR A 258 -26.36 -3.91 -0.24
N ALA A 259 -25.56 -4.47 -1.14
CA ALA A 259 -25.31 -3.85 -2.42
C ALA A 259 -24.50 -4.83 -3.24
N GLU A 260 -24.42 -4.57 -4.53
CA GLU A 260 -23.61 -5.33 -5.46
C GLU A 260 -22.57 -4.41 -6.06
N PHE A 261 -21.31 -4.85 -6.05
CA PHE A 261 -20.28 -4.12 -6.79
C PHE A 261 -20.67 -4.01 -8.25
N ALA A 262 -20.59 -2.78 -8.79
CA ALA A 262 -20.98 -2.56 -10.19
C ALA A 262 -19.84 -2.08 -11.09
N GLY A 263 -19.03 -1.12 -10.64
CA GLY A 263 -17.91 -0.69 -11.47
C GLY A 263 -16.84 0.02 -10.66
N TYR A 264 -15.65 0.13 -11.26
CA TYR A 264 -14.58 0.92 -10.67
C TYR A 264 -13.76 1.55 -11.79
N GLY A 265 -13.05 2.61 -11.44
CA GLY A 265 -12.09 3.22 -12.35
C GLY A 265 -10.89 3.71 -11.57
N GLU A 266 -9.72 3.63 -12.21
CA GLU A 266 -8.45 4.01 -11.59
C GLU A 266 -7.65 4.82 -12.60
N SER A 267 -6.99 5.89 -12.14
CA SER A 267 -6.18 6.68 -13.05
C SER A 267 -5.17 7.48 -12.25
N GLY A 268 -4.22 8.06 -12.98
CA GLY A 268 -3.28 9.02 -12.41
C GLY A 268 -3.32 10.30 -13.22
N ASP A 269 -3.18 11.44 -12.53
CA ASP A 269 -3.14 12.72 -13.23
C ASP A 269 -1.85 12.89 -14.03
N ALA A 270 -0.75 12.45 -13.44
CA ALA A 270 0.59 12.69 -13.99
C ALA A 270 0.79 14.17 -14.27
N ASN A 271 0.39 15.00 -13.30
CA ASN A 271 0.46 16.46 -13.46
C ASN A 271 1.27 17.06 -12.32
N HIS A 272 0.80 17.00 -11.07
CA HIS A 272 1.43 17.69 -9.95
C HIS A 272 1.37 16.78 -8.72
N ILE A 273 2.39 16.88 -7.85
CA ILE A 273 2.48 15.93 -6.74
C ILE A 273 1.44 16.22 -5.66
N THR A 274 0.94 17.46 -5.55
CA THR A 274 -0.04 17.75 -4.52
C THR A 274 -1.27 18.48 -5.06
N ALA A 275 -1.12 19.26 -6.14
CA ALA A 275 -2.28 19.94 -6.70
C ALA A 275 -3.02 19.02 -7.67
N PRO A 276 -4.35 18.96 -7.62
CA PRO A 276 -5.09 18.18 -8.61
C PRO A 276 -5.00 18.83 -9.99
N ALA A 277 -5.23 18.02 -11.02
CA ALA A 277 -5.02 18.49 -12.38
C ALA A 277 -6.15 19.43 -12.81
N PRO A 278 -5.82 20.51 -13.53
CA PRO A 278 -6.88 21.37 -14.08
C PRO A 278 -7.90 20.58 -14.87
N GLU A 279 -9.16 20.96 -14.71
CA GLU A 279 -10.36 20.34 -15.27
C GLU A 279 -10.65 19.00 -14.60
N GLY A 280 -9.85 18.57 -13.63
CA GLY A 280 -10.04 17.26 -13.03
C GLY A 280 -9.90 16.14 -14.05
N GLU A 281 -8.93 16.28 -14.96
CA GLU A 281 -8.84 15.40 -16.12
C GLU A 281 -8.64 13.95 -15.72
N GLY A 282 -7.81 13.69 -14.70
CA GLY A 282 -7.65 12.32 -14.22
C GLY A 282 -8.89 11.80 -13.51
N ALA A 283 -9.51 12.65 -12.69
CA ALA A 283 -10.77 12.29 -12.04
C ALA A 283 -11.84 11.96 -13.07
N PHE A 284 -11.93 12.76 -14.13
CA PHE A 284 -12.84 12.48 -15.25
C PHE A 284 -12.63 11.06 -15.78
N ARG A 285 -11.39 10.69 -16.09
CA ARG A 285 -11.17 9.36 -16.67
C ARG A 285 -11.55 8.25 -15.68
N ALA A 286 -11.22 8.39 -14.40
CA ALA A 286 -11.56 7.34 -13.44
C ALA A 286 -13.07 7.19 -13.30
N MET A 287 -13.78 8.31 -13.26
CA MET A 287 -15.23 8.37 -13.20
C MET A 287 -15.82 7.73 -14.44
N LYS A 288 -15.24 8.06 -15.61
CA LYS A 288 -15.78 7.57 -16.88
C LYS A 288 -15.68 6.05 -16.97
N MET A 289 -14.54 5.48 -16.57
CA MET A 289 -14.43 4.04 -16.70
C MET A 289 -15.27 3.29 -15.67
N ALA A 290 -15.45 3.86 -14.46
CA ALA A 290 -16.36 3.23 -13.51
C ALA A 290 -17.77 3.21 -14.04
N LEU A 291 -18.23 4.35 -14.58
CA LEU A 291 -19.57 4.44 -15.17
C LEU A 291 -19.73 3.47 -16.35
N GLU A 292 -18.71 3.36 -17.21
CA GLU A 292 -18.84 2.44 -18.35
C GLU A 292 -18.81 0.99 -17.90
N MET A 293 -18.06 0.68 -16.84
CA MET A 293 -18.08 -0.66 -16.23
C MET A 293 -19.46 -1.02 -15.69
N ALA A 294 -20.05 -0.10 -14.92
CA ALA A 294 -21.23 -0.41 -14.13
C ALA A 294 -22.50 -0.51 -14.99
N LYS A 295 -22.61 0.40 -15.96
CA LYS A 295 -23.76 0.42 -16.88
C LYS A 295 -25.07 0.55 -16.12
N VAL A 296 -25.09 1.37 -15.08
CA VAL A 296 -26.30 1.63 -14.32
C VAL A 296 -26.49 3.14 -14.22
N GLU A 297 -27.67 3.54 -13.79
CA GLU A 297 -27.96 4.94 -13.52
C GLU A 297 -27.57 5.27 -12.09
N VAL A 298 -26.52 6.05 -11.93
CA VAL A 298 -26.10 6.53 -10.61
C VAL A 298 -27.06 7.60 -10.13
N GLY A 299 -27.64 7.40 -8.94
CA GLY A 299 -28.57 8.36 -8.36
C GLY A 299 -28.00 9.25 -7.27
N TYR A 300 -26.78 8.96 -6.82
CA TYR A 300 -26.13 9.72 -5.75
C TYR A 300 -24.63 9.58 -5.92
N VAL A 301 -23.90 10.70 -5.78
CA VAL A 301 -22.44 10.67 -5.78
C VAL A 301 -21.94 11.19 -4.44
N ASN A 302 -21.14 10.38 -3.75
CA ASN A 302 -20.42 10.86 -2.57
C ASN A 302 -19.08 11.39 -3.08
N ALA A 303 -18.96 12.71 -3.13
CA ALA A 303 -17.81 13.34 -3.74
C ALA A 303 -16.57 13.19 -2.86
N HIS A 304 -15.41 13.36 -3.47
CA HIS A 304 -14.20 13.49 -2.67
C HIS A 304 -14.28 14.73 -1.78
N GLY A 305 -14.56 15.90 -2.40
CA GLY A 305 -14.96 17.12 -1.71
C GLY A 305 -14.29 17.39 -0.38
N THR A 306 -12.99 17.68 -0.41
CA THR A 306 -12.20 17.84 0.81
C THR A 306 -12.28 19.24 1.39
N SER A 307 -12.93 20.19 0.71
CA SER A 307 -13.10 21.57 1.15
C SER A 307 -11.81 22.37 0.95
N THR A 308 -11.02 22.00 -0.05
CA THR A 308 -9.96 22.86 -0.55
C THR A 308 -10.45 23.59 -1.79
N HIS A 309 -9.78 24.72 -2.09
CA HIS A 309 -10.23 25.50 -3.23
C HIS A 309 -10.17 24.70 -4.53
N TYR A 310 -9.00 24.15 -4.83
CA TYR A 310 -8.80 23.54 -6.14
C TYR A 310 -9.48 22.18 -6.25
N ASN A 311 -9.40 21.32 -5.22
CA ASN A 311 -10.00 20.00 -5.35
C ASN A 311 -11.48 20.10 -5.65
N ASP A 312 -12.22 20.88 -4.86
CA ASP A 312 -13.67 20.93 -5.03
C ASP A 312 -14.04 21.52 -6.37
N LEU A 313 -13.28 22.52 -6.83
CA LEU A 313 -13.53 23.12 -8.14
C LEU A 313 -13.29 22.11 -9.25
N TYR A 314 -12.09 21.52 -9.29
CA TYR A 314 -11.75 20.59 -10.35
C TYR A 314 -12.64 19.35 -10.33
N GLU A 315 -13.04 18.88 -9.14
CA GLU A 315 -13.97 17.74 -9.08
C GLU A 315 -15.31 18.11 -9.66
N SER A 316 -15.77 19.34 -9.41
CA SER A 316 -17.07 19.77 -9.92
C SER A 316 -17.07 19.86 -11.44
N ILE A 317 -15.98 20.35 -12.02
CA ILE A 317 -15.83 20.41 -13.47
C ILE A 317 -15.82 18.99 -14.05
N ALA A 318 -15.07 18.10 -13.42
CA ALA A 318 -15.02 16.72 -13.92
C ALA A 318 -16.38 16.05 -13.86
N LEU A 319 -17.15 16.26 -12.78
CA LEU A 319 -18.48 15.67 -12.68
C LEU A 319 -19.38 16.15 -13.81
N LYS A 320 -19.39 17.47 -14.05
CA LYS A 320 -20.19 18.00 -15.15
C LYS A 320 -19.78 17.38 -16.48
N ASN A 321 -18.48 17.26 -16.73
CA ASN A 321 -18.02 16.69 -17.99
C ASN A 321 -18.37 15.23 -18.12
N VAL A 322 -18.22 14.45 -17.04
CA VAL A 322 -18.41 13.02 -17.20
C VAL A 322 -19.89 12.69 -17.35
N PHE A 323 -20.77 13.43 -16.69
CA PHE A 323 -22.19 13.14 -16.83
C PHE A 323 -22.80 13.81 -18.03
N GLY A 324 -22.13 14.82 -18.59
CA GLY A 324 -22.51 15.42 -19.86
C GLY A 324 -23.00 16.84 -19.76
N SER A 325 -23.39 17.27 -18.56
CA SER A 325 -24.08 18.54 -18.36
C SER A 325 -24.34 18.73 -16.88
N LYS A 326 -24.46 19.98 -16.43
CA LYS A 326 -24.89 20.26 -15.06
C LYS A 326 -26.11 19.44 -14.67
N GLU A 327 -27.16 19.53 -15.49
CA GLU A 327 -28.44 18.91 -15.17
C GLU A 327 -28.39 17.39 -15.13
N LYS A 328 -27.37 16.78 -15.75
CA LYS A 328 -27.24 15.33 -15.74
C LYS A 328 -26.42 14.80 -14.57
N VAL A 329 -25.70 15.65 -13.85
CA VAL A 329 -25.02 15.19 -12.62
C VAL A 329 -26.06 14.80 -11.57
N PRO A 330 -26.02 13.59 -11.02
CA PRO A 330 -26.93 13.23 -9.92
C PRO A 330 -26.69 14.12 -8.71
N PRO A 331 -27.58 14.10 -7.72
CA PRO A 331 -27.27 14.73 -6.43
C PRO A 331 -25.91 14.28 -5.91
N VAL A 332 -25.12 15.24 -5.43
CA VAL A 332 -23.77 15.03 -4.95
C VAL A 332 -23.68 15.55 -3.52
N SER A 333 -22.95 14.85 -2.68
CA SER A 333 -22.61 15.47 -1.40
C SER A 333 -21.24 14.98 -1.00
N SER A 334 -20.48 15.84 -0.34
CA SER A 334 -19.30 15.41 0.40
C SER A 334 -19.69 15.32 1.86
N THR A 335 -19.37 14.21 2.50
CA THR A 335 -19.64 14.10 3.92
C THR A 335 -18.40 14.44 4.74
N LYS A 336 -17.43 15.12 4.16
CA LYS A 336 -16.25 15.53 4.91
C LYS A 336 -16.49 16.77 5.76
N GLY A 337 -17.57 17.52 5.50
CA GLY A 337 -17.99 18.52 6.47
C GLY A 337 -18.29 17.90 7.83
N GLN A 338 -18.97 16.75 7.84
CA GLN A 338 -19.45 16.11 9.06
C GLN A 338 -18.31 15.43 9.83
N ILE A 339 -17.47 14.64 9.16
CA ILE A 339 -16.50 13.81 9.88
C ILE A 339 -15.07 14.16 9.51
N GLY A 340 -14.86 15.23 8.74
CA GLY A 340 -13.53 15.62 8.34
C GLY A 340 -13.00 14.73 7.22
N HIS A 341 -11.81 15.08 6.75
CA HIS A 341 -11.11 14.30 5.73
C HIS A 341 -10.26 13.26 6.46
N CYS A 342 -10.70 12.00 6.39
CA CYS A 342 -10.04 10.92 7.10
C CYS A 342 -8.97 10.23 6.26
N LEU A 343 -8.51 10.88 5.20
CA LEU A 343 -7.29 10.51 4.48
C LEU A 343 -7.44 9.08 3.97
N GLY A 344 -6.55 8.14 4.31
CA GLY A 344 -6.66 6.79 3.77
C GLY A 344 -7.94 6.07 4.13
N ALA A 345 -8.58 6.48 5.24
CA ALA A 345 -9.84 5.88 5.64
C ALA A 345 -11.03 6.42 4.86
N ALA A 346 -10.88 7.60 4.23
CA ALA A 346 -12.01 8.30 3.62
C ALA A 346 -12.80 7.40 2.66
N GLY A 347 -12.11 6.70 1.76
CA GLY A 347 -12.84 5.93 0.75
C GLY A 347 -13.66 4.80 1.33
N ALA A 348 -13.16 4.18 2.39
CA ALA A 348 -13.88 3.05 2.99
C ALA A 348 -15.05 3.55 3.80
N LEU A 349 -14.82 4.58 4.62
CA LEU A 349 -15.92 5.27 5.30
C LEU A 349 -17.00 5.69 4.31
N GLU A 350 -16.61 6.30 3.20
CA GLU A 350 -17.58 6.88 2.29
C GLU A 350 -18.26 5.85 1.40
N ALA A 351 -17.65 4.68 1.19
CA ALA A 351 -18.38 3.58 0.56
C ALA A 351 -19.49 3.09 1.48
N VAL A 352 -19.20 2.93 2.77
CA VAL A 352 -20.23 2.57 3.73
C VAL A 352 -21.34 3.62 3.76
N ILE A 353 -20.97 4.89 3.87
CA ILE A 353 -21.97 5.97 3.91
C ILE A 353 -22.85 5.94 2.68
N SER A 354 -22.23 5.72 1.52
CA SER A 354 -22.96 5.69 0.26
C SER A 354 -23.92 4.51 0.20
N ILE A 355 -23.49 3.33 0.63
CA ILE A 355 -24.38 2.17 0.54
C ILE A 355 -25.54 2.31 1.53
N MET A 356 -25.26 2.83 2.71
CA MET A 356 -26.35 3.06 3.70
C MET A 356 -27.35 4.09 3.17
N ALA A 357 -26.85 5.12 2.48
CA ALA A 357 -27.76 6.11 1.90
C ALA A 357 -28.70 5.45 0.91
N MET A 358 -28.18 4.52 0.11
CA MET A 358 -28.99 3.79 -0.86
C MET A 358 -29.99 2.88 -0.14
N ASN A 359 -29.51 2.16 0.88
CA ASN A 359 -30.35 1.25 1.66
C ASN A 359 -31.50 2.00 2.33
N GLN A 360 -31.24 3.19 2.85
CA GLN A 360 -32.25 3.91 3.62
C GLN A 360 -33.04 4.91 2.77
N GLY A 361 -32.64 5.15 1.54
CA GLY A 361 -33.25 6.20 0.74
C GLY A 361 -33.08 7.58 1.34
N ILE A 362 -31.93 7.83 1.98
CA ILE A 362 -31.63 9.11 2.61
C ILE A 362 -30.25 9.55 2.14
N LEU A 363 -30.20 10.64 1.39
CA LEU A 363 -28.93 11.13 0.87
C LEU A 363 -28.37 12.16 1.85
N PRO A 364 -27.21 11.95 2.45
CA PRO A 364 -26.74 12.87 3.47
C PRO A 364 -26.33 14.19 2.84
N PRO A 365 -26.42 15.29 3.57
CA PRO A 365 -26.14 16.62 3.01
C PRO A 365 -24.65 16.94 3.00
N THR A 366 -24.28 17.90 2.13
CA THR A 366 -23.06 18.65 2.37
C THR A 366 -23.40 19.79 3.33
N ILE A 367 -22.67 19.91 4.43
CA ILE A 367 -23.02 20.90 5.44
C ILE A 367 -22.20 22.17 5.25
N ASN A 368 -22.54 23.21 6.02
CA ASN A 368 -21.86 24.50 5.95
C ASN A 368 -21.97 25.13 4.56
N GLN A 369 -23.13 24.95 3.93
CA GLN A 369 -23.39 25.57 2.63
C GLN A 369 -24.02 26.94 2.93
N GLU A 370 -23.18 27.98 2.98
CA GLU A 370 -23.60 29.31 3.40
C GLU A 370 -23.44 30.38 2.34
N THR A 371 -22.41 30.28 1.50
CA THR A 371 -22.20 31.22 0.39
C THR A 371 -21.99 30.42 -0.89
N PRO A 372 -22.95 30.45 -1.82
CA PRO A 372 -22.77 29.73 -3.09
C PRO A 372 -21.54 30.23 -3.83
N ASP A 373 -20.84 29.29 -4.46
CA ASP A 373 -19.67 29.59 -5.29
C ASP A 373 -20.07 29.43 -6.74
N PRO A 374 -20.12 30.52 -7.52
CA PRO A 374 -20.54 30.42 -8.93
C PRO A 374 -19.82 29.35 -9.70
N GLU A 375 -18.58 29.04 -9.36
CA GLU A 375 -17.83 28.02 -10.07
C GLU A 375 -18.14 26.59 -9.60
N CYS A 376 -18.76 26.43 -8.43
CA CYS A 376 -19.21 25.12 -7.95
C CYS A 376 -20.73 25.19 -7.92
N ASP A 377 -21.37 24.87 -9.04
CA ASP A 377 -22.78 25.14 -9.21
C ASP A 377 -23.64 23.88 -9.28
N LEU A 378 -23.14 22.73 -8.84
CA LEU A 378 -23.94 21.52 -8.88
C LEU A 378 -24.90 21.47 -7.70
N ASP A 379 -25.66 20.39 -7.62
CA ASP A 379 -26.56 20.14 -6.49
C ASP A 379 -25.77 19.37 -5.43
N TYR A 380 -25.40 20.06 -4.35
CA TYR A 380 -24.57 19.47 -3.31
C TYR A 380 -25.40 19.02 -2.11
N ILE A 381 -26.72 18.91 -2.26
CA ILE A 381 -27.64 18.53 -1.20
C ILE A 381 -27.37 19.40 0.03
N PRO A 382 -27.58 20.70 -0.05
CA PRO A 382 -27.08 21.60 1.02
C PRO A 382 -27.81 21.42 2.34
N ASN A 383 -27.02 21.19 3.40
CA ASN A 383 -27.40 21.37 4.79
C ASN A 383 -28.43 20.40 5.36
N ALA A 384 -29.33 19.84 4.57
CA ALA A 384 -30.30 18.89 5.11
C ALA A 384 -30.40 17.68 4.20
N ALA A 385 -30.57 16.51 4.80
CA ALA A 385 -30.62 15.28 4.03
C ALA A 385 -31.79 15.32 3.05
N ARG A 386 -31.68 14.54 1.99
CA ARG A 386 -32.76 14.44 1.01
C ARG A 386 -33.32 13.02 1.03
N GLU A 387 -34.63 12.90 1.20
CA GLU A 387 -35.29 11.59 1.05
C GLU A 387 -35.44 11.30 -0.43
N LYS A 388 -34.73 10.30 -0.92
CA LYS A 388 -34.71 9.98 -2.35
C LYS A 388 -34.24 8.53 -2.48
N GLN A 389 -35.03 7.71 -3.16
CA GLN A 389 -34.60 6.35 -3.46
C GLN A 389 -33.66 6.37 -4.66
N VAL A 390 -32.55 5.65 -4.56
CA VAL A 390 -31.57 5.54 -5.64
C VAL A 390 -31.23 4.08 -5.84
N ASP A 391 -30.85 3.73 -7.08
CA ASP A 391 -30.54 2.35 -7.42
C ASP A 391 -29.06 2.08 -7.57
N ALA A 392 -28.23 3.12 -7.54
CA ALA A 392 -26.77 2.99 -7.60
C ALA A 392 -26.13 4.25 -7.03
N VAL A 393 -24.93 4.08 -6.47
CA VAL A 393 -24.20 5.17 -5.84
C VAL A 393 -22.75 5.12 -6.32
N MET A 394 -22.16 6.30 -6.46
CA MET A 394 -20.75 6.48 -6.83
C MET A 394 -19.98 7.18 -5.72
N SER A 395 -18.77 6.70 -5.43
CA SER A 395 -17.90 7.31 -4.43
C SER A 395 -16.54 7.64 -5.05
N ASN A 396 -16.11 8.90 -4.91
CA ASN A 396 -14.87 9.42 -5.51
C ASN A 396 -13.75 9.58 -4.47
N SER A 397 -12.52 9.28 -4.89
CA SER A 397 -11.33 9.51 -4.06
C SER A 397 -10.19 9.97 -4.96
N PHE A 398 -9.73 11.20 -4.75
CA PHE A 398 -8.70 11.82 -5.58
C PHE A 398 -7.57 12.30 -4.66
N GLY A 399 -6.50 11.51 -4.55
CA GLY A 399 -5.51 11.68 -3.50
C GLY A 399 -4.20 12.32 -3.96
N PHE A 400 -3.38 12.66 -2.96
CA PHE A 400 -2.08 13.24 -3.24
C PHE A 400 -1.24 12.31 -4.11
N GLY A 401 -0.40 12.91 -4.95
CA GLY A 401 0.27 12.20 -6.02
C GLY A 401 -0.56 12.06 -7.28
N GLY A 402 -1.75 12.67 -7.32
CA GLY A 402 -2.57 12.55 -8.48
C GLY A 402 -3.17 11.19 -8.69
N THR A 403 -3.36 10.39 -7.63
CA THR A 403 -3.90 9.04 -7.78
C THR A 403 -5.39 9.02 -7.49
N ASN A 404 -6.16 8.46 -8.43
CA ASN A 404 -7.62 8.58 -8.43
C ASN A 404 -8.25 7.19 -8.38
N GLY A 405 -9.28 7.04 -7.55
CA GLY A 405 -10.06 5.82 -7.51
C GLY A 405 -11.53 6.10 -7.35
N VAL A 406 -12.37 5.39 -8.10
CA VAL A 406 -13.82 5.59 -8.10
C VAL A 406 -14.48 4.22 -8.02
N VAL A 407 -15.51 4.08 -7.17
CA VAL A 407 -16.28 2.84 -7.11
C VAL A 407 -17.76 3.14 -7.23
N ILE A 408 -18.49 2.20 -7.83
CA ILE A 408 -19.93 2.28 -7.99
C ILE A 408 -20.54 0.99 -7.44
N PHE A 409 -21.52 1.12 -6.54
CA PHE A 409 -22.29 0.01 -6.01
C PHE A 409 -23.74 0.19 -6.43
N LYS A 410 -24.42 -0.92 -6.67
CA LYS A 410 -25.81 -0.85 -7.12
C LYS A 410 -26.68 -1.67 -6.18
N LYS A 411 -27.97 -1.37 -6.25
CA LYS A 411 -28.96 -2.03 -5.42
C LYS A 411 -28.95 -3.53 -5.71
N ALA A 412 -29.18 -4.33 -4.68
CA ALA A 412 -29.23 -5.77 -4.87
C ALA A 412 -30.58 -6.34 -4.51
N MET B 1 -6.65 -15.88 -21.56
CA MET B 1 -6.25 -14.78 -20.66
C MET B 1 -5.23 -13.90 -21.38
N ARG B 2 -5.23 -12.63 -21.06
CA ARG B 2 -4.23 -11.74 -21.65
C ARG B 2 -2.84 -12.15 -21.16
N ARG B 3 -1.91 -12.30 -22.08
CA ARG B 3 -0.54 -12.65 -21.70
C ARG B 3 0.20 -11.36 -21.32
N ILE B 4 1.20 -11.51 -20.48
CA ILE B 4 1.92 -10.34 -19.98
C ILE B 4 3.42 -10.64 -20.03
N VAL B 5 4.19 -9.73 -20.61
CA VAL B 5 5.63 -9.92 -20.75
C VAL B 5 6.38 -8.77 -20.09
N VAL B 6 7.63 -9.05 -19.73
CA VAL B 6 8.56 -8.05 -19.18
C VAL B 6 9.39 -7.49 -20.33
N THR B 7 9.31 -6.18 -20.55
CA THR B 7 9.98 -5.55 -21.67
C THR B 7 11.07 -4.57 -21.27
N GLY B 8 11.26 -4.34 -19.97
CA GLY B 8 12.31 -3.45 -19.50
C GLY B 8 12.55 -3.68 -18.03
N MET B 9 13.79 -3.50 -17.61
CA MET B 9 14.17 -3.76 -16.22
C MET B 9 15.24 -2.77 -15.78
N GLY B 10 15.28 -2.52 -14.48
CA GLY B 10 16.35 -1.70 -13.91
C GLY B 10 16.46 -1.94 -12.43
N MET B 11 17.63 -1.64 -11.87
CA MET B 11 17.73 -1.75 -10.41
C MET B 11 18.98 -1.02 -9.92
N ILE B 12 18.90 -0.55 -8.68
CA ILE B 12 20.01 0.09 -7.97
C ILE B 12 20.04 -0.49 -6.56
N ASN B 13 21.23 -0.82 -6.07
CA ASN B 13 21.36 -1.39 -4.73
C ASN B 13 22.80 -1.18 -4.30
N SER B 14 23.18 -1.80 -3.18
CA SER B 14 24.51 -1.58 -2.60
C SER B 14 25.62 -2.28 -3.39
N LEU B 15 25.32 -2.97 -4.50
CA LEU B 15 26.35 -3.55 -5.34
C LEU B 15 26.36 -3.03 -6.77
N GLY B 16 25.56 -2.00 -7.09
CA GLY B 16 25.62 -1.39 -8.42
C GLY B 16 24.54 -0.37 -8.67
N LEU B 17 24.78 0.56 -9.60
CA LEU B 17 23.85 1.66 -9.88
C LEU B 17 22.89 1.35 -11.01
N ASN B 18 23.03 0.16 -11.61
CA ASN B 18 22.21 -0.28 -12.74
C ASN B 18 22.19 -1.80 -12.68
N LYS B 19 21.33 -2.42 -13.50
CA LYS B 19 21.15 -3.87 -13.36
C LYS B 19 22.35 -4.66 -13.86
N GLU B 20 23.09 -4.14 -14.83
CA GLU B 20 24.22 -4.91 -15.36
C GLU B 20 25.31 -5.02 -14.30
N ASP B 21 25.71 -3.88 -13.72
CA ASP B 21 26.80 -3.92 -12.75
C ASP B 21 26.39 -4.67 -11.48
N SER B 22 25.15 -4.48 -11.00
CA SER B 22 24.80 -5.12 -9.73
C SER B 22 24.62 -6.63 -9.89
N PHE B 23 24.01 -7.09 -11.00
CA PHE B 23 23.84 -8.52 -11.17
C PHE B 23 25.19 -9.23 -11.30
N LEU B 24 26.12 -8.63 -12.06
CA LEU B 24 27.47 -9.20 -12.15
C LEU B 24 28.09 -9.36 -10.77
N ALA B 25 28.02 -8.31 -9.95
CA ALA B 25 28.58 -8.38 -8.61
C ALA B 25 27.83 -9.38 -7.76
N ILE B 26 26.51 -9.45 -7.92
CA ILE B 26 25.72 -10.43 -7.16
C ILE B 26 26.10 -11.85 -7.58
N ALA B 27 26.20 -12.08 -8.88
CA ALA B 27 26.57 -13.41 -9.37
C ALA B 27 27.98 -13.80 -8.93
N LYS B 28 28.91 -12.84 -8.89
CA LYS B 28 30.25 -13.12 -8.35
C LYS B 28 30.25 -13.37 -6.84
N GLY B 29 29.14 -13.14 -6.15
CA GLY B 29 29.12 -13.34 -4.72
C GLY B 29 29.76 -12.24 -3.91
N GLU B 30 29.85 -11.02 -4.46
CA GLU B 30 30.31 -9.88 -3.66
C GLU B 30 29.24 -9.48 -2.64
N CYS B 31 29.60 -8.56 -1.75
CA CYS B 31 28.72 -8.11 -0.67
C CYS B 31 28.79 -6.61 -0.52
N GLY B 32 27.65 -5.93 -0.63
CA GLY B 32 27.55 -4.49 -0.47
C GLY B 32 27.24 -4.02 0.94
N ILE B 33 27.15 -4.94 1.90
CA ILE B 33 26.97 -4.57 3.30
C ILE B 33 28.23 -3.86 3.80
N LYS B 34 28.04 -2.74 4.50
CA LYS B 34 29.16 -1.92 4.98
C LYS B 34 28.87 -1.42 6.38
N HIS B 35 29.87 -0.78 6.99
N HIS B 35 29.87 -0.77 6.98
CA HIS B 35 29.62 -0.06 8.22
CA HIS B 35 29.62 -0.06 8.22
C HIS B 35 28.76 1.16 7.92
C HIS B 35 28.77 1.17 7.92
N ILE B 36 27.79 1.43 8.78
CA ILE B 36 26.86 2.54 8.55
C ILE B 36 27.60 3.88 8.61
N GLU B 37 27.42 4.70 7.56
CA GLU B 37 27.90 6.07 7.56
C GLU B 37 26.86 7.11 7.24
N SER B 38 25.63 6.71 6.87
CA SER B 38 24.62 7.72 6.54
C SER B 38 24.06 8.40 7.78
N PHE B 39 24.35 7.87 8.96
CA PHE B 39 24.08 8.58 10.21
C PHE B 39 25.09 8.08 11.23
N ASP B 40 25.14 8.75 12.37
CA ASP B 40 26.11 8.37 13.40
C ASP B 40 25.59 7.17 14.18
N ALA B 41 26.04 5.98 13.80
CA ALA B 41 25.63 4.75 14.46
C ALA B 41 26.65 4.27 15.50
N SER B 42 27.58 5.15 15.90
CA SER B 42 28.71 4.69 16.72
C SER B 42 28.25 4.10 18.06
N ALA B 43 27.13 4.57 18.60
CA ALA B 43 26.64 4.06 19.86
C ALA B 43 25.41 3.17 19.70
N PHE B 44 25.22 2.60 18.49
CA PHE B 44 24.09 1.72 18.20
C PHE B 44 24.47 0.26 18.41
N PRO B 45 23.49 -0.58 18.74
CA PRO B 45 23.77 -2.02 18.84
C PRO B 45 23.94 -2.70 17.49
N VAL B 46 23.43 -2.09 16.43
CA VAL B 46 23.61 -2.53 15.05
C VAL B 46 24.23 -1.40 14.28
N ARG B 47 25.32 -1.68 13.58
CA ARG B 47 26.10 -0.62 12.94
C ARG B 47 26.45 -0.97 11.50
N ILE B 48 25.70 -1.89 10.88
CA ILE B 48 25.96 -2.35 9.53
C ILE B 48 24.68 -2.29 8.71
N ALA B 49 24.83 -2.10 7.41
CA ALA B 49 23.69 -1.96 6.49
C ALA B 49 24.21 -2.00 5.07
N GLY B 50 23.29 -2.34 4.15
CA GLY B 50 23.57 -2.25 2.73
C GLY B 50 23.35 -0.84 2.23
N GLU B 51 24.27 0.06 2.60
CA GLU B 51 24.21 1.45 2.15
C GLU B 51 24.72 1.56 0.72
N ILE B 52 24.01 2.31 -0.11
CA ILE B 52 24.50 2.71 -1.42
C ILE B 52 25.37 3.95 -1.22
N THR B 53 26.68 3.81 -1.40
CA THR B 53 27.57 4.93 -1.12
C THR B 53 27.82 5.84 -2.31
N ASP B 54 27.46 5.42 -3.53
CA ASP B 54 27.84 6.14 -4.74
C ASP B 54 26.64 6.65 -5.52
N PHE B 55 25.46 6.76 -4.89
CA PHE B 55 24.29 7.27 -5.59
C PHE B 55 24.32 8.79 -5.61
N ASP B 56 24.11 9.37 -6.80
CA ASP B 56 24.00 10.81 -6.96
C ASP B 56 22.55 11.26 -7.18
N PRO B 57 21.89 11.81 -6.17
CA PRO B 57 20.48 12.21 -6.32
C PRO B 57 20.26 13.25 -7.40
N THR B 58 21.26 14.10 -7.66
CA THR B 58 21.07 15.20 -8.59
C THR B 58 20.91 14.71 -10.03
N GLU B 59 21.24 13.45 -10.32
CA GLU B 59 21.01 12.96 -11.67
C GLU B 59 19.52 12.75 -11.95
N VAL B 60 18.73 12.45 -10.90
CA VAL B 60 17.31 12.19 -11.08
C VAL B 60 16.41 13.27 -10.51
N MET B 61 16.95 14.22 -9.75
CA MET B 61 16.15 15.30 -9.18
C MET B 61 16.94 16.59 -9.08
N ASN B 62 16.19 17.71 -8.95
CA ASN B 62 16.65 19.08 -8.70
C ASN B 62 16.76 19.34 -7.20
N PRO B 63 17.59 20.30 -6.78
CA PRO B 63 17.80 20.49 -5.34
C PRO B 63 16.52 20.91 -4.62
N LYS B 64 15.65 21.68 -5.28
CA LYS B 64 14.36 22.04 -4.68
C LYS B 64 13.46 20.85 -4.46
N ASP B 65 13.74 19.71 -5.08
CA ASP B 65 12.88 18.54 -4.98
C ASP B 65 13.34 17.54 -3.92
N VAL B 66 14.51 17.75 -3.31
CA VAL B 66 14.93 16.88 -2.21
C VAL B 66 14.07 17.14 -0.98
N LYS B 67 13.61 18.37 -0.80
CA LYS B 67 12.60 18.62 0.23
C LYS B 67 11.30 17.90 -0.09
N LYS B 68 11.05 17.61 -1.36
CA LYS B 68 9.77 17.03 -1.76
C LYS B 68 9.83 15.52 -1.95
N ALA B 69 11.01 14.91 -1.90
CA ALA B 69 11.13 13.48 -2.22
C ALA B 69 12.14 12.80 -1.29
N GLY B 70 11.68 11.85 -0.49
CA GLY B 70 12.59 11.07 0.31
C GLY B 70 13.51 10.22 -0.53
N ARG B 71 14.60 9.75 0.10
CA ARG B 71 15.61 8.98 -0.62
C ARG B 71 15.01 7.77 -1.33
N PHE B 72 13.98 7.14 -0.76
CA PHE B 72 13.41 5.97 -1.43
C PHE B 72 12.81 6.35 -2.78
N ILE B 73 12.22 7.55 -2.90
CA ILE B 73 11.70 7.99 -4.18
C ILE B 73 12.83 8.29 -5.16
N GLN B 74 13.91 8.89 -4.67
CA GLN B 74 15.07 9.15 -5.52
C GLN B 74 15.60 7.85 -6.14
N LEU B 75 15.72 6.80 -5.32
CA LEU B 75 16.14 5.51 -5.85
C LEU B 75 15.13 4.96 -6.84
N ALA B 76 13.84 5.14 -6.55
CA ALA B 76 12.81 4.67 -7.47
C ALA B 76 12.91 5.39 -8.81
N LEU B 77 13.22 6.68 -8.79
CA LEU B 77 13.34 7.44 -10.02
C LEU B 77 14.53 6.93 -10.84
N LYS B 78 15.60 6.56 -10.16
CA LYS B 78 16.77 6.03 -10.83
C LYS B 78 16.46 4.69 -11.49
N ALA B 79 15.86 3.77 -10.74
CA ALA B 79 15.59 2.44 -11.29
C ALA B 79 14.53 2.48 -12.39
N THR B 80 13.51 3.34 -12.24
CA THR B 80 12.46 3.41 -13.25
C THR B 80 12.96 4.08 -14.51
N ARG B 81 13.81 5.10 -14.38
CA ARG B 81 14.45 5.67 -15.58
C ARG B 81 15.20 4.59 -16.36
N GLU B 82 16.01 3.79 -15.65
CA GLU B 82 16.72 2.70 -16.31
C GLU B 82 15.73 1.76 -17.01
N ALA B 83 14.66 1.36 -16.31
CA ALA B 83 13.72 0.39 -16.88
C ALA B 83 12.96 0.97 -18.05
N MET B 84 12.47 2.21 -17.90
CA MET B 84 11.70 2.80 -19.00
C MET B 84 12.58 3.03 -20.23
N LYS B 85 13.82 3.48 -20.02
CA LYS B 85 14.75 3.61 -21.14
C LYS B 85 15.00 2.25 -21.78
N ASP B 86 15.28 1.24 -20.95
CA ASP B 86 15.48 -0.12 -21.44
C ASP B 86 14.32 -0.60 -22.29
N SER B 87 13.10 -0.20 -21.93
CA SER B 87 11.92 -0.71 -22.62
C SER B 87 11.79 -0.19 -24.05
N GLY B 88 12.44 0.93 -24.36
CA GLY B 88 12.30 1.53 -25.68
C GLY B 88 10.99 2.25 -25.92
N ILE B 89 10.15 2.37 -24.89
CA ILE B 89 8.85 3.00 -25.10
C ILE B 89 8.95 4.53 -25.17
N LEU B 90 10.02 5.11 -24.63
CA LEU B 90 10.10 6.55 -24.41
C LEU B 90 10.36 7.30 -25.71
N ASP B 91 9.76 8.47 -25.84
CA ASP B 91 9.92 9.29 -27.04
C ASP B 91 11.14 10.19 -26.89
N ALA B 92 11.26 11.21 -27.75
CA ALA B 92 12.45 12.06 -27.76
C ALA B 92 12.56 12.94 -26.51
N HIS B 93 11.49 13.05 -25.72
CA HIS B 93 11.54 13.80 -24.47
C HIS B 93 11.51 12.89 -23.25
N ASN B 94 11.86 11.61 -23.43
CA ASN B 94 11.94 10.65 -22.34
C ASN B 94 10.58 10.51 -21.65
N ARG B 95 9.52 10.60 -22.44
CA ARG B 95 8.16 10.42 -21.97
C ARG B 95 7.43 9.34 -22.76
N CYS B 96 6.45 8.73 -22.12
CA CYS B 96 5.56 7.81 -22.81
C CYS B 96 4.80 8.57 -23.90
N PRO B 97 4.68 8.00 -25.10
CA PRO B 97 3.90 8.66 -26.15
C PRO B 97 2.50 8.99 -25.65
N GLU B 98 2.03 10.20 -25.99
CA GLU B 98 0.75 10.67 -25.50
C GLU B 98 -0.38 9.70 -25.83
N GLU B 99 -0.32 9.03 -26.98
CA GLU B 99 -1.40 8.14 -27.41
C GLU B 99 -1.44 6.84 -26.61
N LEU B 100 -0.35 6.47 -25.92
CA LEU B 100 -0.33 5.31 -25.05
C LEU B 100 -0.44 5.65 -23.56
N ALA B 101 -0.42 6.94 -23.21
CA ALA B 101 -0.26 7.36 -21.81
C ALA B 101 -1.43 6.93 -20.95
N ASN B 102 -2.64 7.02 -21.49
CA ASN B 102 -3.81 6.70 -20.69
C ASN B 102 -3.88 5.23 -20.33
N ARG B 103 -3.17 4.38 -21.06
CA ARG B 103 -3.29 2.95 -20.87
C ARG B 103 -2.08 2.34 -20.20
N MET B 104 -1.18 3.17 -19.66
CA MET B 104 0.02 2.68 -18.99
C MET B 104 0.02 3.27 -17.60
N GLY B 105 0.06 2.41 -16.58
CA GLY B 105 0.06 2.93 -15.23
C GLY B 105 1.32 2.58 -14.46
N VAL B 106 1.25 2.67 -13.14
CA VAL B 106 2.41 2.42 -12.29
C VAL B 106 1.92 1.73 -11.03
N SER B 107 2.69 0.76 -10.57
CA SER B 107 2.43 0.03 -9.34
C SER B 107 3.70 0.12 -8.51
N SER B 108 3.61 0.79 -7.38
CA SER B 108 4.81 0.99 -6.54
CA SER B 108 4.77 1.05 -6.50
C SER B 108 4.65 0.31 -5.15
N GLY B 109 5.78 -0.19 -4.68
CA GLY B 109 5.78 -0.84 -3.38
C GLY B 109 6.90 -0.31 -2.51
N SER B 110 6.62 -0.16 -1.23
CA SER B 110 7.61 0.20 -0.22
C SER B 110 7.01 -0.25 1.09
N GLY B 111 7.87 -0.64 2.04
CA GLY B 111 7.35 -1.02 3.35
C GLY B 111 7.10 0.16 4.25
N ILE B 112 7.99 1.17 4.22
CA ILE B 112 7.93 2.26 5.18
C ILE B 112 8.07 3.64 4.55
N GLY B 113 8.47 3.71 3.28
CA GLY B 113 8.51 5.04 2.70
C GLY B 113 9.59 5.91 3.33
N GLY B 114 9.32 7.21 3.43
CA GLY B 114 10.34 8.16 3.86
C GLY B 114 10.49 8.27 5.37
N LEU B 115 10.85 7.14 6.00
CA LEU B 115 10.98 7.07 7.46
C LEU B 115 11.88 8.16 8.01
N GLY B 116 13.05 8.35 7.40
CA GLY B 116 13.99 9.33 7.91
C GLY B 116 13.49 10.74 7.81
N ASN B 117 12.67 11.02 6.79
CA ASN B 117 12.09 12.35 6.67
C ASN B 117 11.06 12.58 7.78
N ILE B 118 10.23 11.57 8.08
CA ILE B 118 9.29 11.71 9.19
C ILE B 118 10.05 11.92 10.50
N GLU B 119 11.11 11.13 10.70
CA GLU B 119 11.97 11.23 11.87
C GLU B 119 12.52 12.64 12.03
N ALA B 120 13.11 13.18 10.95
CA ALA B 120 13.69 14.52 11.00
C ALA B 120 12.64 15.57 11.35
N ASN B 121 11.44 15.47 10.77
CA ASN B 121 10.45 16.49 11.05
C ASN B 121 9.84 16.30 12.44
N SER B 122 9.77 15.06 12.91
CA SER B 122 9.32 14.79 14.28
C SER B 122 10.27 15.45 15.28
N ILE B 123 11.57 15.22 15.09
CA ILE B 123 12.58 15.83 15.95
C ILE B 123 12.50 17.34 15.86
N PHE B 124 12.29 17.85 14.66
CA PHE B 124 12.40 19.30 14.50
C PHE B 124 11.18 19.97 15.14
N CYS B 125 10.01 19.36 15.03
CA CYS B 125 8.78 19.91 15.69
C CYS B 125 8.98 19.87 17.21
N PHE B 126 9.60 18.81 17.71
CA PHE B 126 9.78 18.64 19.16
C PHE B 126 10.73 19.70 19.71
N GLU B 127 11.79 19.98 18.97
CA GLU B 127 12.82 20.94 19.43
C GLU B 127 12.43 22.40 19.14
N LYS B 128 11.86 22.70 17.99
CA LYS B 128 11.65 24.09 17.56
C LYS B 128 10.18 24.48 17.39
N GLY B 129 9.29 23.52 17.58
CA GLY B 129 7.87 23.85 17.50
C GLY B 129 7.28 23.79 16.12
N PRO B 130 5.95 23.99 16.02
CA PRO B 130 5.26 23.88 14.74
C PRO B 130 5.69 24.81 13.58
N ASN B 134 10.06 23.45 8.45
CA ASN B 134 10.36 22.01 8.62
C ASN B 134 11.41 21.52 7.62
N PRO B 135 12.25 20.55 8.01
CA PRO B 135 13.26 20.04 7.09
C PRO B 135 12.61 19.45 5.83
N PHE B 136 11.50 18.73 5.96
CA PHE B 136 10.87 18.06 4.81
C PHE B 136 9.35 18.25 4.80
N PHE B 137 8.80 18.14 3.60
CA PHE B 137 7.36 18.13 3.37
C PHE B 137 6.85 16.72 3.71
N ILE B 138 5.69 16.72 4.31
CA ILE B 138 5.07 15.43 4.67
C ILE B 138 4.82 14.63 3.39
N THR B 139 4.70 15.27 2.22
CA THR B 139 4.59 14.59 0.92
C THR B 139 5.79 13.72 0.62
N SER B 140 6.98 14.18 1.00
CA SER B 140 8.23 13.48 0.70
C SER B 140 8.27 12.07 1.26
N ALA B 141 7.41 11.74 2.23
CA ALA B 141 7.50 10.47 2.95
C ALA B 141 6.43 9.45 2.59
N LEU B 142 5.32 9.87 1.97
CA LEU B 142 4.23 8.96 1.68
C LEU B 142 4.63 7.96 0.61
N VAL B 143 4.30 6.69 0.83
CA VAL B 143 4.80 5.61 -0.03
C VAL B 143 4.32 5.80 -1.46
N ASN B 144 3.06 6.22 -1.64
CA ASN B 144 2.52 6.36 -2.98
C ASN B 144 3.13 7.53 -3.76
N MET B 145 3.92 8.38 -3.12
CA MET B 145 4.64 9.39 -3.90
C MET B 145 5.71 8.80 -4.80
N ILE B 146 6.09 7.53 -4.63
CA ILE B 146 6.83 6.85 -5.69
C ILE B 146 6.06 6.95 -6.99
N GLY B 147 4.78 6.55 -6.95
CA GLY B 147 3.94 6.62 -8.13
C GLY B 147 3.61 8.04 -8.54
N GLY B 148 3.49 8.94 -7.58
CA GLY B 148 3.29 10.34 -7.90
C GLY B 148 4.46 10.87 -8.71
N PHE B 149 5.68 10.76 -8.19
CA PHE B 149 6.82 11.30 -8.93
C PHE B 149 7.05 10.55 -10.25
N THR B 150 6.96 9.23 -10.25
CA THR B 150 7.29 8.51 -11.48
C THR B 150 6.25 8.74 -12.56
N SER B 151 4.97 8.86 -12.17
CA SER B 151 3.96 9.10 -13.19
C SER B 151 4.13 10.46 -13.85
N ILE B 152 4.47 11.49 -13.06
CA ILE B 152 4.80 12.80 -13.64
C ILE B 152 6.05 12.69 -14.50
N GLU B 153 7.03 11.91 -14.05
CA GLU B 153 8.31 11.84 -14.76
C GLU B 153 8.14 11.30 -16.17
N PHE B 154 7.35 10.23 -16.33
CA PHE B 154 7.22 9.61 -17.65
C PHE B 154 5.92 9.96 -18.35
N GLY B 155 5.03 10.70 -17.69
CA GLY B 155 3.72 11.02 -18.25
C GLY B 155 2.82 9.82 -18.44
N ILE B 156 2.79 8.90 -17.48
CA ILE B 156 1.93 7.73 -17.58
C ILE B 156 0.72 7.93 -16.67
N LYS B 157 -0.46 7.72 -17.23
CA LYS B 157 -1.71 8.19 -16.66
C LYS B 157 -2.68 7.07 -16.30
N GLY B 158 -2.27 5.82 -16.45
CA GLY B 158 -3.14 4.73 -16.13
C GLY B 158 -3.23 4.52 -14.63
N PRO B 159 -3.76 3.37 -14.22
CA PRO B 159 -3.94 3.12 -12.78
C PRO B 159 -2.63 3.34 -12.02
N ASN B 160 -2.75 3.98 -10.86
CA ASN B 160 -1.59 4.44 -10.10
C ASN B 160 -1.79 3.86 -8.70
N LEU B 161 -1.13 2.73 -8.44
CA LEU B 161 -1.43 1.87 -7.31
C LEU B 161 -0.19 1.68 -6.46
N SER B 162 -0.41 1.39 -5.19
CA SER B 162 0.73 1.25 -4.29
C SER B 162 0.51 0.07 -3.36
N SER B 163 1.60 -0.60 -2.98
CA SER B 163 1.58 -1.79 -2.13
C SER B 163 2.47 -1.53 -0.93
N VAL B 164 2.04 -1.97 0.26
CA VAL B 164 2.77 -1.60 1.47
C VAL B 164 2.77 -2.78 2.44
N THR B 165 2.79 -3.98 1.88
CA THR B 165 2.85 -5.22 2.66
C THR B 165 4.27 -5.56 3.10
N ALA B 166 4.96 -4.59 3.73
CA ALA B 166 6.26 -4.82 4.41
C ALA B 166 7.22 -5.52 3.44
N CYS B 167 7.84 -6.64 3.85
CA CYS B 167 8.84 -7.40 3.10
C CYS B 167 8.33 -7.98 1.81
N ALA B 168 7.01 -8.02 1.62
CA ALA B 168 6.44 -8.55 0.40
C ALA B 168 5.96 -7.46 -0.55
N ALA B 169 6.14 -6.17 -0.19
CA ALA B 169 5.54 -5.09 -0.97
C ALA B 169 6.00 -5.12 -2.43
N GLY B 170 7.28 -5.39 -2.66
CA GLY B 170 7.78 -5.38 -4.01
C GLY B 170 7.18 -6.48 -4.87
N THR B 171 6.85 -7.62 -4.26
CA THR B 171 6.24 -8.71 -5.00
C THR B 171 4.76 -8.44 -5.21
N HIS B 172 4.09 -7.88 -4.21
CA HIS B 172 2.69 -7.54 -4.39
C HIS B 172 2.54 -6.43 -5.41
N ALA B 173 3.54 -5.53 -5.52
CA ALA B 173 3.46 -4.50 -6.54
C ALA B 173 3.44 -5.10 -7.94
N ILE B 174 4.25 -6.15 -8.16
CA ILE B 174 4.19 -6.90 -9.41
C ILE B 174 2.80 -7.51 -9.61
N ILE B 175 2.27 -8.14 -8.57
CA ILE B 175 1.03 -8.89 -8.71
C ILE B 175 -0.15 -7.96 -8.98
N GLU B 176 -0.23 -6.84 -8.27
CA GLU B 176 -1.36 -5.93 -8.48
C GLU B 176 -1.31 -5.33 -9.89
N ALA B 177 -0.10 -5.04 -10.40
CA ALA B 177 0.01 -4.66 -11.81
C ALA B 177 -0.46 -5.76 -12.73
N VAL B 178 -0.07 -7.01 -12.43
CA VAL B 178 -0.53 -8.14 -13.24
C VAL B 178 -2.05 -8.21 -13.26
N LYS B 179 -2.67 -8.17 -12.07
CA LYS B 179 -4.13 -8.22 -12.00
C LYS B 179 -4.75 -7.12 -12.83
N THR B 180 -4.19 -5.91 -12.74
CA THR B 180 -4.72 -4.77 -13.48
C THR B 180 -4.69 -5.02 -14.98
N ILE B 181 -3.58 -5.56 -15.49
CA ILE B 181 -3.48 -5.86 -16.92
C ILE B 181 -4.40 -7.00 -17.31
N LEU B 182 -4.51 -8.03 -16.46
CA LEU B 182 -5.34 -9.18 -16.80
C LEU B 182 -6.79 -8.75 -16.96
N LEU B 183 -7.22 -7.80 -16.14
CA LEU B 183 -8.60 -7.36 -16.12
C LEU B 183 -8.84 -6.25 -17.13
N ASN B 184 -7.84 -5.91 -17.93
CA ASN B 184 -7.95 -4.94 -19.01
C ASN B 184 -8.07 -3.51 -18.47
N GLY B 185 -7.56 -3.27 -17.27
CA GLY B 185 -7.48 -1.91 -16.78
C GLY B 185 -6.28 -1.13 -17.29
N ALA B 186 -5.35 -1.83 -17.93
CA ALA B 186 -4.15 -1.23 -18.49
C ALA B 186 -3.61 -2.17 -19.55
N ASP B 187 -2.85 -1.61 -20.49
CA ASP B 187 -2.05 -2.42 -21.40
C ASP B 187 -0.60 -2.53 -20.98
N ARG B 188 -0.11 -1.59 -20.15
CA ARG B 188 1.27 -1.64 -19.69
C ARG B 188 1.33 -1.13 -18.27
N MET B 189 2.29 -1.63 -17.48
CA MET B 189 2.44 -1.04 -16.16
C MET B 189 3.91 -0.97 -15.79
N LEU B 190 4.30 0.19 -15.26
CA LEU B 190 5.61 0.34 -14.65
C LEU B 190 5.52 -0.16 -13.21
N VAL B 191 6.39 -1.09 -12.85
CA VAL B 191 6.40 -1.64 -11.49
C VAL B 191 7.72 -1.27 -10.85
N VAL B 192 7.68 -0.77 -9.61
CA VAL B 192 8.91 -0.45 -8.90
C VAL B 192 8.71 -0.70 -7.39
N GLY B 193 9.68 -1.39 -6.79
CA GLY B 193 9.77 -1.48 -5.33
C GLY B 193 10.97 -0.69 -4.87
N ALA B 194 10.80 0.12 -3.82
CA ALA B 194 11.86 1.03 -3.41
C ALA B 194 11.82 1.20 -1.90
N GLU B 195 13.01 1.21 -1.29
CA GLU B 195 13.11 1.33 0.15
C GLU B 195 14.44 1.98 0.53
N SER B 196 14.38 2.93 1.46
CA SER B 196 15.59 3.50 2.02
C SER B 196 15.21 3.94 3.43
N THR B 197 15.52 3.10 4.42
CA THR B 197 15.12 3.31 5.82
C THR B 197 16.32 3.18 6.76
N ILE B 198 17.53 3.44 6.26
CA ILE B 198 18.75 3.28 7.05
C ILE B 198 18.92 4.59 7.81
N CYS B 199 18.28 4.67 8.96
CA CYS B 199 18.19 5.87 9.78
C CYS B 199 18.09 5.43 11.23
N PRO B 200 18.31 6.36 12.18
CA PRO B 200 18.32 5.93 13.59
C PRO B 200 17.08 5.15 13.99
N VAL B 201 15.90 5.70 13.74
CA VAL B 201 14.71 5.04 14.25
C VAL B 201 14.42 3.76 13.47
N GLY B 202 14.87 3.69 12.21
CA GLY B 202 14.65 2.48 11.44
C GLY B 202 15.52 1.32 11.89
N ILE B 203 16.83 1.56 12.02
CA ILE B 203 17.70 0.56 12.62
C ILE B 203 17.23 0.24 14.03
N GLY B 204 16.90 1.28 14.81
CA GLY B 204 16.52 1.05 16.20
C GLY B 204 15.25 0.23 16.32
N GLY B 205 14.29 0.44 15.41
CA GLY B 205 13.04 -0.29 15.47
C GLY B 205 13.22 -1.77 15.17
N PHE B 206 14.05 -2.10 14.17
CA PHE B 206 14.23 -3.53 13.88
C PHE B 206 15.18 -4.19 14.87
N ALA B 207 16.10 -3.43 15.45
CA ALA B 207 16.97 -3.95 16.50
C ALA B 207 16.16 -4.26 17.76
N SER B 208 15.21 -3.39 18.11
CA SER B 208 14.47 -3.59 19.35
C SER B 208 13.57 -4.81 19.29
N ILE B 209 13.20 -5.23 18.08
CA ILE B 209 12.37 -6.42 17.89
C ILE B 209 13.28 -7.62 17.62
N LYS B 210 14.59 -7.42 17.74
CA LYS B 210 15.60 -8.48 17.64
C LYS B 210 15.64 -9.13 16.26
N ALA B 211 15.35 -8.35 15.22
CA ALA B 211 15.33 -8.89 13.86
C ALA B 211 16.67 -8.76 13.14
N LEU B 212 17.60 -7.95 13.65
CA LEU B 212 18.80 -7.56 12.92
C LEU B 212 20.02 -8.32 13.43
N SER B 213 20.89 -8.71 12.50
CA SER B 213 22.21 -9.21 12.86
C SER B 213 23.01 -8.15 13.61
N THR B 214 23.72 -8.59 14.66
CA THR B 214 24.63 -7.74 15.41
C THR B 214 26.10 -8.07 15.13
N ARG B 215 26.39 -8.74 14.03
CA ARG B 215 27.78 -9.06 13.67
C ARG B 215 28.44 -7.81 13.07
N ASN B 216 28.62 -6.82 13.95
CA ASN B 216 29.13 -5.52 13.54
C ASN B 216 30.58 -5.55 13.11
N ASP B 217 31.35 -6.55 13.58
CA ASP B 217 32.77 -6.60 13.31
C ASP B 217 33.08 -7.03 11.87
N GLU B 218 32.14 -7.68 11.19
CA GLU B 218 32.37 -8.26 9.86
C GLU B 218 31.14 -8.01 8.98
N PRO B 219 30.96 -6.78 8.48
CA PRO B 219 29.79 -6.48 7.62
C PRO B 219 29.57 -7.48 6.51
N LYS B 220 30.64 -7.86 5.80
CA LYS B 220 30.51 -8.76 4.65
C LYS B 220 30.20 -10.20 5.06
N LYS B 221 30.18 -10.52 6.34
CA LYS B 221 29.88 -11.91 6.79
C LYS B 221 28.58 -11.98 7.59
N ALA B 222 27.90 -10.86 7.75
CA ALA B 222 26.74 -10.84 8.66
C ALA B 222 25.50 -11.45 8.04
N SER B 223 25.23 -11.13 6.78
CA SER B 223 24.06 -11.64 6.08
C SER B 223 24.42 -12.97 5.44
N ARG B 224 23.81 -14.06 5.94
CA ARG B 224 24.23 -15.41 5.60
C ARG B 224 23.02 -16.33 5.60
N PRO B 225 22.11 -16.17 4.63
CA PRO B 225 20.86 -16.95 4.65
C PRO B 225 21.09 -18.45 4.70
N PHE B 226 20.29 -19.14 5.51
CA PHE B 226 20.29 -20.59 5.71
C PHE B 226 21.56 -21.14 6.37
N ASP B 227 22.53 -20.29 6.67
CA ASP B 227 23.75 -20.75 7.34
C ASP B 227 23.47 -20.97 8.83
N LYS B 228 24.19 -21.92 9.42
CA LYS B 228 23.94 -22.26 10.82
C LYS B 228 24.13 -21.07 11.74
N ASP B 229 25.07 -20.17 11.43
CA ASP B 229 25.41 -19.07 12.32
C ASP B 229 24.71 -17.76 11.95
N ARG B 230 23.67 -17.80 11.11
CA ARG B 230 22.88 -16.61 10.88
C ARG B 230 22.28 -16.12 12.19
N ASN B 231 22.11 -14.80 12.32
CA ASN B 231 21.57 -14.26 13.56
C ASN B 231 20.81 -12.95 13.31
N GLY B 232 20.02 -12.91 12.25
CA GLY B 232 19.19 -11.73 11.98
C GLY B 232 19.48 -11.13 10.61
N PHE B 233 18.57 -10.31 10.08
CA PHE B 233 18.82 -9.78 8.75
C PHE B 233 19.67 -8.53 8.83
N VAL B 234 20.15 -8.07 7.67
CA VAL B 234 20.89 -6.82 7.55
C VAL B 234 20.08 -5.90 6.64
N MET B 235 19.61 -4.76 7.17
CA MET B 235 19.01 -3.74 6.31
C MET B 235 19.83 -3.38 5.09
N GLY B 236 19.17 -3.38 3.94
CA GLY B 236 19.71 -2.74 2.75
C GLY B 236 18.73 -1.72 2.20
N GLU B 237 19.24 -0.85 1.32
CA GLU B 237 18.41 0.07 0.57
C GLU B 237 18.56 -0.21 -0.93
N GLY B 238 17.57 0.20 -1.71
CA GLY B 238 17.64 -0.02 -3.14
C GLY B 238 16.28 0.11 -3.78
N ALA B 239 16.25 -0.15 -5.09
CA ALA B 239 15.01 -0.11 -5.84
C ALA B 239 15.13 -1.02 -7.06
N GLY B 240 14.06 -1.73 -7.38
CA GLY B 240 14.00 -2.54 -8.59
C GLY B 240 12.78 -2.13 -9.39
N ALA B 241 12.89 -2.19 -10.71
CA ALA B 241 11.81 -1.74 -11.59
C ALA B 241 11.66 -2.67 -12.79
N LEU B 242 10.41 -2.89 -13.20
CA LEU B 242 10.06 -3.74 -14.33
C LEU B 242 9.01 -3.02 -15.16
N VAL B 243 9.08 -3.16 -16.47
CA VAL B 243 7.97 -2.73 -17.32
C VAL B 243 7.21 -3.99 -17.73
N LEU B 244 5.91 -4.04 -17.40
CA LEU B 244 5.04 -5.12 -17.84
C LEU B 244 4.19 -4.63 -19.01
N GLU B 245 4.04 -5.47 -20.04
CA GLU B 245 3.22 -5.12 -21.19
C GLU B 245 2.37 -6.31 -21.58
N GLU B 246 1.13 -6.04 -21.97
CA GLU B 246 0.33 -7.10 -22.55
C GLU B 246 1.00 -7.57 -23.85
N TYR B 247 0.85 -8.87 -24.15
CA TYR B 247 1.68 -9.52 -25.16
C TYR B 247 1.51 -8.91 -26.55
N GLU B 248 0.27 -8.74 -27.00
CA GLU B 248 0.02 -8.19 -28.32
C GLU B 248 0.52 -6.76 -28.44
N SER B 249 0.29 -5.95 -27.40
CA SER B 249 0.78 -4.55 -27.37
C SER B 249 2.29 -4.55 -27.56
N ALA B 250 2.96 -5.43 -26.85
CA ALA B 250 4.42 -5.50 -26.90
C ALA B 250 4.89 -5.92 -28.29
N LYS B 251 4.32 -7.00 -28.85
CA LYS B 251 4.71 -7.38 -30.20
C LYS B 251 4.39 -6.27 -31.20
N LYS B 252 3.26 -5.59 -31.02
CA LYS B 252 2.88 -4.56 -31.99
C LYS B 252 3.95 -3.48 -32.07
N ARG B 253 4.53 -3.08 -30.94
CA ARG B 253 5.53 -2.02 -30.96
C ARG B 253 6.95 -2.54 -31.09
N GLY B 254 7.14 -3.85 -31.21
CA GLY B 254 8.49 -4.38 -31.37
C GLY B 254 9.31 -4.45 -30.11
N ALA B 255 8.67 -4.49 -28.93
CA ALA B 255 9.39 -4.60 -27.67
C ALA B 255 10.31 -5.80 -27.67
N LYS B 256 11.42 -5.68 -26.94
CA LYS B 256 12.20 -6.85 -26.57
C LYS B 256 11.60 -7.48 -25.32
N ILE B 257 11.67 -8.81 -25.23
CA ILE B 257 10.94 -9.58 -24.22
C ILE B 257 11.94 -10.34 -23.36
N TYR B 258 11.98 -10.00 -22.07
CA TYR B 258 12.87 -10.67 -21.14
C TYR B 258 12.28 -11.95 -20.58
N ALA B 259 10.96 -11.99 -20.41
CA ALA B 259 10.30 -13.13 -19.78
C ALA B 259 8.81 -12.88 -19.89
N GLU B 260 8.03 -13.91 -19.58
CA GLU B 260 6.58 -13.82 -19.58
C GLU B 260 6.09 -14.14 -18.19
N PHE B 261 5.17 -13.32 -17.66
CA PHE B 261 4.48 -13.67 -16.44
C PHE B 261 3.83 -15.04 -16.55
N ALA B 262 4.05 -15.90 -15.54
CA ALA B 262 3.46 -17.24 -15.53
C ALA B 262 2.44 -17.47 -14.42
N GLY B 263 2.71 -17.03 -13.20
CA GLY B 263 1.74 -17.24 -12.14
C GLY B 263 2.12 -16.50 -10.88
N TYR B 264 1.15 -16.39 -9.97
CA TYR B 264 1.40 -15.80 -8.66
C TYR B 264 0.54 -16.48 -7.61
N GLY B 265 0.92 -16.27 -6.36
CA GLY B 265 0.12 -16.70 -5.24
C GLY B 265 0.26 -15.70 -4.11
N GLU B 266 -0.83 -15.52 -3.37
CA GLU B 266 -0.91 -14.56 -2.26
C GLU B 266 -1.60 -15.23 -1.09
N SER B 267 -1.08 -15.04 0.12
CA SER B 267 -1.74 -15.65 1.27
C SER B 267 -1.42 -14.86 2.53
N GLY B 268 -2.15 -15.17 3.60
CA GLY B 268 -1.82 -14.65 4.93
C GLY B 268 -1.69 -15.77 5.93
N ASP B 269 -0.64 -15.68 6.77
CA ASP B 269 -0.44 -16.67 7.84
C ASP B 269 -1.58 -16.67 8.84
N ALA B 270 -2.05 -15.48 9.19
CA ALA B 270 -3.02 -15.27 10.27
C ALA B 270 -2.59 -16.01 11.53
N ASN B 271 -1.30 -15.87 11.85
CA ASN B 271 -0.72 -16.58 12.98
C ASN B 271 -0.16 -15.60 14.01
N HIS B 272 0.82 -14.78 13.65
CA HIS B 272 1.45 -13.90 14.62
C HIS B 272 1.97 -12.68 13.87
N ILE B 273 2.09 -11.56 14.58
CA ILE B 273 2.34 -10.29 13.90
C ILE B 273 3.78 -10.21 13.38
N THR B 274 4.73 -10.86 14.04
CA THR B 274 6.16 -10.80 13.61
C THR B 274 6.75 -12.19 13.34
N ALA B 275 6.37 -13.18 14.10
CA ALA B 275 6.88 -14.56 13.93
C ALA B 275 6.27 -15.24 12.71
N PRO B 276 7.08 -15.73 11.75
CA PRO B 276 6.54 -16.49 10.64
C PRO B 276 5.81 -17.74 11.19
N ALA B 277 4.85 -18.27 10.43
CA ALA B 277 4.05 -19.41 10.87
C ALA B 277 4.88 -20.70 10.85
N PRO B 278 4.67 -21.57 11.84
CA PRO B 278 5.36 -22.87 11.84
C PRO B 278 5.09 -23.65 10.57
N GLU B 279 6.12 -24.37 10.12
CA GLU B 279 6.13 -25.12 8.86
C GLU B 279 6.00 -24.23 7.63
N GLY B 280 6.07 -22.92 7.79
CA GLY B 280 5.89 -22.01 6.66
C GLY B 280 4.55 -22.23 6.01
N GLU B 281 3.51 -22.47 6.82
CA GLU B 281 2.23 -22.94 6.28
C GLU B 281 1.64 -21.95 5.28
N GLY B 282 1.71 -20.64 5.56
CA GLY B 282 1.17 -19.68 4.61
C GLY B 282 2.05 -19.51 3.38
N ALA B 283 3.36 -19.58 3.58
CA ALA B 283 4.30 -19.56 2.46
C ALA B 283 4.05 -20.73 1.53
N PHE B 284 3.81 -21.91 2.10
CA PHE B 284 3.47 -23.11 1.34
C PHE B 284 2.28 -22.85 0.42
N ARG B 285 1.22 -22.28 0.99
CA ARG B 285 -0.01 -22.07 0.22
C ARG B 285 0.24 -21.09 -0.92
N ALA B 286 1.00 -20.03 -0.66
CA ALA B 286 1.28 -19.03 -1.70
C ALA B 286 2.09 -19.64 -2.85
N MET B 287 3.09 -20.42 -2.47
CA MET B 287 3.93 -21.11 -3.48
C MET B 287 3.10 -22.12 -4.28
N LYS B 288 2.31 -22.93 -3.58
CA LYS B 288 1.42 -23.86 -4.29
C LYS B 288 0.53 -23.16 -5.31
N MET B 289 -0.11 -22.04 -4.92
CA MET B 289 -1.01 -21.44 -5.90
C MET B 289 -0.26 -20.83 -7.07
N ALA B 290 0.94 -20.32 -6.85
CA ALA B 290 1.71 -19.80 -7.98
C ALA B 290 2.10 -20.94 -8.93
N LEU B 291 2.61 -22.04 -8.38
CA LEU B 291 2.97 -23.20 -9.21
C LEU B 291 1.77 -23.75 -9.95
N GLU B 292 0.61 -23.84 -9.28
CA GLU B 292 -0.57 -24.39 -9.94
C GLU B 292 -1.06 -23.47 -11.06
N MET B 293 -0.95 -22.15 -10.86
CA MET B 293 -1.32 -21.21 -11.92
C MET B 293 -0.36 -21.29 -13.10
N ALA B 294 0.94 -21.39 -12.82
CA ALA B 294 1.95 -21.21 -13.87
C ALA B 294 2.08 -22.45 -14.76
N LYS B 295 1.93 -23.64 -14.19
CA LYS B 295 2.02 -24.90 -14.94
C LYS B 295 3.33 -24.98 -15.74
N VAL B 296 4.44 -24.69 -15.07
CA VAL B 296 5.75 -24.76 -15.69
C VAL B 296 6.68 -25.47 -14.73
N GLU B 297 7.81 -25.92 -15.25
CA GLU B 297 8.86 -26.48 -14.41
C GLU B 297 9.75 -25.32 -13.96
N VAL B 298 9.71 -25.03 -12.67
CA VAL B 298 10.57 -24.01 -12.07
C VAL B 298 11.98 -24.58 -11.91
N GLY B 299 12.97 -23.87 -12.45
CA GLY B 299 14.35 -24.33 -12.42
C GLY B 299 15.24 -23.58 -11.44
N TYR B 300 14.70 -22.53 -10.83
CA TYR B 300 15.47 -21.71 -9.91
C TYR B 300 14.49 -20.97 -9.01
N VAL B 301 14.76 -20.96 -7.71
CA VAL B 301 13.92 -20.23 -6.77
C VAL B 301 14.79 -19.16 -6.12
N ASN B 302 14.34 -17.91 -6.19
CA ASN B 302 15.00 -16.87 -5.40
C ASN B 302 14.23 -16.76 -4.09
N ALA B 303 14.81 -17.28 -3.02
CA ALA B 303 14.15 -17.42 -1.74
C ALA B 303 13.95 -16.06 -1.08
N HIS B 304 13.01 -15.98 -0.15
CA HIS B 304 12.96 -14.80 0.70
C HIS B 304 14.24 -14.71 1.53
N GLY B 305 14.58 -15.80 2.22
CA GLY B 305 15.90 -16.02 2.81
C GLY B 305 16.56 -14.81 3.44
N THR B 306 15.99 -14.32 4.53
CA THR B 306 16.44 -13.05 5.10
C THR B 306 17.60 -13.19 6.07
N SER B 307 17.97 -14.42 6.41
CA SER B 307 19.07 -14.77 7.31
C SER B 307 18.65 -14.61 8.77
N THR B 308 17.36 -14.71 9.07
CA THR B 308 16.92 -14.86 10.44
C THR B 308 16.75 -16.34 10.72
N HIS B 309 16.69 -16.70 12.00
CA HIS B 309 16.58 -18.13 12.35
C HIS B 309 15.28 -18.74 11.82
N TYR B 310 14.16 -18.12 12.16
CA TYR B 310 12.89 -18.78 11.83
C TYR B 310 12.46 -18.60 10.38
N ASN B 311 12.75 -17.46 9.74
CA ASN B 311 12.37 -17.33 8.33
C ASN B 311 13.01 -18.41 7.49
N ASP B 312 14.34 -18.55 7.60
CA ASP B 312 15.05 -19.46 6.71
C ASP B 312 14.64 -20.90 7.00
N LEU B 313 14.45 -21.24 8.28
CA LEU B 313 13.99 -22.58 8.63
C LEU B 313 12.62 -22.86 8.04
N TYR B 314 11.65 -21.99 8.32
CA TYR B 314 10.28 -22.28 7.89
C TYR B 314 10.15 -22.20 6.38
N GLU B 315 10.91 -21.33 5.72
CA GLU B 315 10.88 -21.29 4.27
C GLU B 315 11.42 -22.60 3.69
N SER B 316 12.48 -23.13 4.29
CA SER B 316 13.07 -24.38 3.80
C SER B 316 12.10 -25.55 3.98
N ILE B 317 11.38 -25.59 5.11
CA ILE B 317 10.34 -26.60 5.29
C ILE B 317 9.25 -26.45 4.25
N ALA B 318 8.76 -25.23 4.04
CA ALA B 318 7.69 -25.01 3.08
C ALA B 318 8.11 -25.42 1.67
N LEU B 319 9.34 -25.07 1.28
CA LEU B 319 9.87 -25.48 -0.02
C LEU B 319 9.88 -27.00 -0.15
N LYS B 320 10.37 -27.68 0.89
CA LYS B 320 10.38 -29.14 0.85
C LYS B 320 8.98 -29.69 0.71
N ASN B 321 8.02 -29.13 1.47
CA ASN B 321 6.65 -29.62 1.39
C ASN B 321 6.03 -29.33 0.04
N VAL B 322 6.32 -28.17 -0.56
CA VAL B 322 5.65 -27.82 -1.79
C VAL B 322 6.16 -28.66 -2.96
N PHE B 323 7.48 -28.94 -2.99
CA PHE B 323 8.04 -29.74 -4.07
C PHE B 323 8.13 -31.22 -3.73
N GLY B 324 7.96 -31.60 -2.47
CA GLY B 324 7.80 -33.00 -2.16
C GLY B 324 8.90 -33.58 -1.30
N SER B 325 10.13 -33.15 -1.54
CA SER B 325 11.28 -33.67 -0.82
C SER B 325 12.47 -32.76 -1.10
N LYS B 326 13.51 -32.92 -0.28
CA LYS B 326 14.75 -32.16 -0.45
C LYS B 326 15.24 -32.19 -1.90
N GLU B 327 15.34 -33.40 -2.48
CA GLU B 327 15.91 -33.56 -3.81
C GLU B 327 14.99 -33.08 -4.93
N LYS B 328 13.73 -32.80 -4.63
CA LYS B 328 12.79 -32.32 -5.63
C LYS B 328 12.67 -30.80 -5.67
N VAL B 329 13.24 -30.12 -4.69
CA VAL B 329 13.25 -28.65 -4.72
C VAL B 329 14.23 -28.19 -5.80
N PRO B 330 13.85 -27.24 -6.65
CA PRO B 330 14.81 -26.68 -7.61
C PRO B 330 15.96 -26.01 -6.88
N PRO B 331 17.07 -25.74 -7.57
CA PRO B 331 18.11 -24.90 -6.96
C PRO B 331 17.51 -23.63 -6.39
N VAL B 332 17.93 -23.28 -5.18
CA VAL B 332 17.44 -22.13 -4.44
C VAL B 332 18.63 -21.22 -4.13
N SER B 333 18.40 -19.91 -4.17
CA SER B 333 19.37 -19.04 -3.52
C SER B 333 18.64 -17.83 -2.98
N SER B 334 19.14 -17.30 -1.86
CA SER B 334 18.77 -15.96 -1.43
C SER B 334 19.92 -15.01 -1.78
N THR B 335 19.60 -13.90 -2.42
CA THR B 335 20.61 -12.91 -2.74
C THR B 335 20.67 -11.80 -1.70
N LYS B 336 20.07 -12.02 -0.53
CA LYS B 336 20.14 -11.02 0.54
C LYS B 336 21.47 -11.04 1.28
N GLY B 337 22.28 -12.09 1.10
CA GLY B 337 23.66 -11.99 1.55
C GLY B 337 24.40 -10.89 0.83
N GLN B 338 24.19 -10.78 -0.49
CA GLN B 338 24.95 -9.83 -1.29
C GLN B 338 24.48 -8.39 -1.07
N ILE B 339 23.16 -8.15 -1.05
CA ILE B 339 22.69 -6.76 -1.02
C ILE B 339 21.84 -6.45 0.19
N GLY B 340 21.73 -7.37 1.13
CA GLY B 340 20.92 -7.13 2.32
C GLY B 340 19.43 -7.34 2.06
N HIS B 341 18.67 -7.27 3.13
CA HIS B 341 17.21 -7.30 3.06
C HIS B 341 16.71 -5.89 2.79
N CYS B 342 16.27 -5.65 1.55
CA CYS B 342 15.82 -4.32 1.16
C CYS B 342 14.32 -4.11 1.39
N LEU B 343 13.70 -4.99 2.18
CA LEU B 343 12.38 -4.74 2.78
C LEU B 343 11.38 -4.61 1.63
N GLY B 344 10.62 -3.51 1.53
CA GLY B 344 9.62 -3.42 0.48
C GLY B 344 10.20 -3.45 -0.91
N ALA B 345 11.49 -3.16 -1.06
CA ALA B 345 12.10 -3.21 -2.38
C ALA B 345 12.54 -4.63 -2.76
N ALA B 346 12.65 -5.53 -1.78
CA ALA B 346 13.29 -6.81 -2.03
C ALA B 346 12.59 -7.58 -3.13
N GLY B 347 11.26 -7.58 -3.14
CA GLY B 347 10.55 -8.37 -4.13
C GLY B 347 10.76 -7.87 -5.55
N ALA B 348 10.90 -6.56 -5.72
CA ALA B 348 11.13 -6.02 -7.06
C ALA B 348 12.55 -6.30 -7.50
N LEU B 349 13.52 -6.00 -6.62
CA LEU B 349 14.91 -6.33 -6.87
C LEU B 349 15.08 -7.80 -7.24
N GLU B 350 14.42 -8.68 -6.50
CA GLU B 350 14.68 -10.10 -6.68
C GLU B 350 13.94 -10.68 -7.88
N ALA B 351 12.87 -10.01 -8.35
CA ALA B 351 12.31 -10.39 -9.65
C ALA B 351 13.27 -10.03 -10.78
N VAL B 352 13.89 -8.85 -10.72
CA VAL B 352 14.90 -8.52 -11.72
C VAL B 352 16.05 -9.51 -11.68
N ILE B 353 16.58 -9.78 -10.48
CA ILE B 353 17.68 -10.72 -10.34
C ILE B 353 17.32 -12.07 -10.94
N SER B 354 16.09 -12.54 -10.63
CA SER B 354 15.66 -13.85 -11.08
C SER B 354 15.51 -13.91 -12.60
N ILE B 355 14.93 -12.87 -13.19
CA ILE B 355 14.77 -12.87 -14.64
C ILE B 355 16.13 -12.83 -15.34
N MET B 356 17.06 -11.99 -14.84
CA MET B 356 18.37 -11.98 -15.51
C MET B 356 19.11 -13.30 -15.30
N ALA B 357 18.94 -13.94 -14.14
CA ALA B 357 19.48 -15.28 -13.96
C ALA B 357 18.99 -16.22 -15.07
N MET B 358 17.68 -16.20 -15.34
CA MET B 358 17.14 -17.01 -16.42
C MET B 358 17.73 -16.62 -17.77
N ASN B 359 17.77 -15.30 -18.05
CA ASN B 359 18.30 -14.82 -19.34
C ASN B 359 19.73 -15.27 -19.57
N GLN B 360 20.55 -15.20 -18.52
CA GLN B 360 21.98 -15.43 -18.65
C GLN B 360 22.36 -16.88 -18.39
N GLY B 361 21.45 -17.68 -17.85
CA GLY B 361 21.81 -19.02 -17.44
C GLY B 361 22.85 -19.03 -16.33
N ILE B 362 22.81 -18.04 -15.44
CA ILE B 362 23.72 -17.91 -14.32
C ILE B 362 22.87 -17.76 -13.07
N LEU B 363 22.91 -18.75 -12.20
CA LEU B 363 22.11 -18.73 -10.99
C LEU B 363 22.97 -18.16 -9.86
N PRO B 364 22.66 -16.97 -9.33
CA PRO B 364 23.55 -16.38 -8.34
C PRO B 364 23.53 -17.18 -7.05
N PRO B 365 24.63 -17.15 -6.28
CA PRO B 365 24.73 -18.00 -5.09
C PRO B 365 24.10 -17.39 -3.85
N THR B 366 23.88 -18.24 -2.84
CA THR B 366 23.76 -17.77 -1.47
C THR B 366 25.17 -17.72 -0.89
N ILE B 367 25.56 -16.55 -0.35
CA ILE B 367 26.94 -16.40 0.09
C ILE B 367 27.07 -16.67 1.58
N ASN B 368 28.29 -16.58 2.11
CA ASN B 368 28.61 -16.84 3.51
C ASN B 368 28.10 -18.20 3.96
N GLN B 369 28.19 -19.20 3.07
CA GLN B 369 27.83 -20.58 3.41
C GLN B 369 29.07 -21.24 4.01
N GLU B 370 29.14 -21.27 5.33
CA GLU B 370 30.33 -21.71 6.07
C GLU B 370 30.06 -22.89 6.97
N THR B 371 28.90 -22.94 7.64
CA THR B 371 28.56 -24.06 8.50
C THR B 371 27.17 -24.55 8.11
N PRO B 372 27.07 -25.74 7.52
CA PRO B 372 25.74 -26.27 7.19
C PRO B 372 24.83 -26.34 8.40
N ASP B 373 23.59 -25.91 8.22
CA ASP B 373 22.55 -26.11 9.23
C ASP B 373 21.77 -27.37 8.90
N PRO B 374 21.82 -28.42 9.72
CA PRO B 374 21.13 -29.67 9.36
C PRO B 374 19.64 -29.48 9.13
N GLU B 375 19.03 -28.46 9.72
CA GLU B 375 17.62 -28.19 9.51
C GLU B 375 17.33 -27.43 8.22
N CYS B 376 18.32 -26.74 7.67
CA CYS B 376 18.21 -26.08 6.38
C CYS B 376 19.06 -26.89 5.41
N ASP B 377 18.48 -27.94 4.84
CA ASP B 377 19.26 -28.97 4.14
C ASP B 377 19.05 -28.96 2.63
N LEU B 378 18.61 -27.85 2.06
CA LEU B 378 18.37 -27.78 0.63
C LEU B 378 19.66 -27.40 -0.11
N ASP B 379 19.58 -27.43 -1.45
CA ASP B 379 20.64 -26.89 -2.29
C ASP B 379 20.46 -25.38 -2.39
N TYR B 380 21.35 -24.62 -1.73
CA TYR B 380 21.25 -23.16 -1.69
C TYR B 380 22.25 -22.48 -2.62
N ILE B 381 22.80 -23.23 -3.59
CA ILE B 381 23.80 -22.72 -4.53
C ILE B 381 24.89 -22.04 -3.73
N PRO B 382 25.62 -22.76 -2.87
CA PRO B 382 26.50 -22.10 -1.90
C PRO B 382 27.69 -21.42 -2.55
N ASN B 383 27.90 -20.15 -2.19
CA ASN B 383 29.10 -19.35 -2.42
C ASN B 383 29.48 -19.01 -3.86
N ALA B 384 29.22 -19.90 -4.82
CA ALA B 384 29.58 -19.67 -6.22
C ALA B 384 28.38 -19.88 -7.13
N ALA B 385 28.20 -18.97 -8.09
CA ALA B 385 27.10 -19.04 -9.04
C ALA B 385 27.16 -20.33 -9.83
N ARG B 386 25.99 -20.82 -10.24
CA ARG B 386 25.94 -22.06 -10.99
C ARG B 386 25.48 -21.75 -12.42
N GLU B 387 26.22 -22.29 -13.39
CA GLU B 387 25.89 -22.16 -14.81
C GLU B 387 24.86 -23.22 -15.18
N LYS B 388 23.62 -22.79 -15.37
CA LYS B 388 22.52 -23.72 -15.65
C LYS B 388 21.42 -22.97 -16.37
N GLN B 389 20.90 -23.57 -17.45
CA GLN B 389 19.75 -22.98 -18.13
C GLN B 389 18.46 -23.38 -17.44
N VAL B 390 17.56 -22.42 -17.28
CA VAL B 390 16.26 -22.68 -16.64
C VAL B 390 15.17 -22.08 -17.52
N ASP B 391 13.96 -22.65 -17.41
CA ASP B 391 12.83 -22.23 -18.23
C ASP B 391 11.84 -21.37 -17.45
N ALA B 392 11.99 -21.31 -16.13
CA ALA B 392 11.08 -20.58 -15.29
C ALA B 392 11.75 -20.36 -13.95
N VAL B 393 11.43 -19.24 -13.30
CA VAL B 393 12.01 -18.86 -12.02
C VAL B 393 10.87 -18.45 -11.09
N MET B 394 11.05 -18.71 -9.80
CA MET B 394 10.06 -18.33 -8.77
C MET B 394 10.75 -17.44 -7.73
N SER B 395 10.06 -16.43 -7.26
CA SER B 395 10.59 -15.50 -6.26
C SER B 395 9.60 -15.39 -5.11
N ASN B 396 10.09 -15.61 -3.87
CA ASN B 396 9.29 -15.61 -2.65
C ASN B 396 9.49 -14.33 -1.86
N SER B 397 8.42 -13.84 -1.23
CA SER B 397 8.49 -12.69 -0.34
C SER B 397 7.51 -12.96 0.79
N PHE B 398 8.01 -13.10 2.02
CA PHE B 398 7.17 -13.48 3.17
C PHE B 398 7.35 -12.42 4.26
N GLY B 399 6.41 -11.47 4.35
CA GLY B 399 6.61 -10.24 5.09
C GLY B 399 5.99 -10.19 6.48
N PHE B 400 6.44 -9.20 7.25
CA PHE B 400 5.91 -8.95 8.58
C PHE B 400 4.40 -8.80 8.52
N GLY B 401 3.72 -9.28 9.57
CA GLY B 401 2.28 -9.39 9.52
C GLY B 401 1.76 -10.64 8.85
N GLY B 402 2.64 -11.58 8.51
CA GLY B 402 2.19 -12.82 7.91
C GLY B 402 1.71 -12.70 6.48
N THR B 403 2.13 -11.67 5.75
CA THR B 403 1.64 -11.48 4.38
C THR B 403 2.62 -12.06 3.38
N ASN B 404 2.13 -12.89 2.48
CA ASN B 404 2.99 -13.68 1.59
C ASN B 404 2.67 -13.40 0.14
N GLY B 405 3.71 -13.26 -0.68
CA GLY B 405 3.52 -13.16 -2.11
C GLY B 405 4.60 -13.93 -2.87
N VAL B 406 4.21 -14.58 -3.96
CA VAL B 406 5.11 -15.39 -4.78
C VAL B 406 4.80 -15.10 -6.24
N VAL B 407 5.83 -14.93 -7.05
CA VAL B 407 5.60 -14.78 -8.49
CA VAL B 407 5.65 -14.76 -8.51
C VAL B 407 6.56 -15.71 -9.30
N ILE B 408 6.03 -16.16 -10.43
CA ILE B 408 6.76 -17.05 -11.31
C ILE B 408 6.81 -16.41 -12.69
N PHE B 409 8.01 -16.35 -13.27
CA PHE B 409 8.20 -15.90 -14.65
C PHE B 409 8.77 -17.04 -15.48
N LYS B 410 8.38 -17.12 -16.76
CA LYS B 410 8.89 -18.17 -17.63
C LYS B 410 9.61 -17.56 -18.81
N LYS B 411 10.34 -18.43 -19.49
CA LYS B 411 11.16 -18.02 -20.63
C LYS B 411 10.27 -17.51 -21.76
N ALA B 412 10.76 -16.50 -22.45
CA ALA B 412 10.03 -15.87 -23.56
C ALA B 412 9.65 -16.90 -24.61
#